data_8Q74
#
_entry.id   8Q74
#
_cell.length_a   1.00
_cell.length_b   1.00
_cell.length_c   1.00
_cell.angle_alpha   90.00
_cell.angle_beta   90.00
_cell.angle_gamma   90.00
#
_symmetry.space_group_name_H-M   'P 1'
#
loop_
_entity.id
_entity.type
_entity.pdbx_description
1 polymer 'Copper-transporting ATPase HMA4'
2 non-polymer 'COPPER (II) ION'
#
_entity_poly.entity_id   1
_entity_poly.type   'polypeptide(L)'
_entity_poly.pdbx_seq_one_letter_code
;MEQNGENHLKDPLLQADGGGSGASPAGASPRKERKTRKVMFNVRGISCASCAVSIETVVAGLKGVESVSVSPLQGQAVVQ
YRPEEADARTIKEAIEGLNFEVDELQEQEIAVCRLQIKGMACTSCSESVERALQMVPGVKKAAVGLALEEAKVHFDPNIT
SRDLIIEAIEDAGFGADLISSGDDVNKVHLKLEGVSSPEDIKLIQSRLESVEGVNNVECDTAGQTIIVAYDPDVTGPRLL
IQCIQDAAQPPKYFNASLYSPPKQREAERHHEIRNYRNQFLWSCLFSVPVFMFSMVLPMISPFGDWLFYKVCNNMTIGML
LRWLLCSPVQFIIGWRFYVGAYHALKRGYSNMDVLVALGTNAAYFYSVYIVLKALTSESFEGQDFFETSAMLISFILLGK
YLEVVAKGKTSDALSKLTELAPETACLLTLDKDGNAISETEISTQLLQRNDVIKIVPGEKVPVDGVVIKGQSHVNESMIT
GEARPIAKKPGDKVIGGTVNDNGCIIVKVTHVGSETALSQIVQLVEAAQLARAPVQKLADRISRFFVPTVVVAAFLTWLG
WFVAGQFDIYPREWIPKAMDSFELALQFGISVLVVACPCALGLATPTAVMVATGKGASQGVLIKGGNALEKAHKVKAIIF
DKTGTLTVGKPSVVQTKVFSKIPLLELCDLAAGAEANSEHPLSKAIVEYTKKLREQYGSHSDHIMESKDFEVHPGAGVSA
NVEGKLVLVGNKRLMQEFEVPISSEVEGHMSETEELARTCVLVAIDRTICGALSVSDPLKPEAGRAISYLSSMGISSIMV
TGDNWATAKSIAKEVGIGTVFAEIDPVGKAEKIKDLQMKGLTVAMVGDGINDSPALAAADVGLAIGAGTDVAIEAADIVL
MRSSLEDVITAIDLSRKTLSRIRLNYVWALGYNVLGMPVAAGVLFPFTGIRLPPWLAGACMAASSVSVVCSSLLLQLYKK
PLHVEEVAAGPKNDPDLV
;
_entity_poly.pdbx_strand_id   A
#
loop_
_chem_comp.id
_chem_comp.type
_chem_comp.name
_chem_comp.formula
CU non-polymer 'COPPER (II) ION' 'Cu 2'
#
# COMPACT_ATOMS: atom_id res chain seq x y z
N ASP A 183 23.04 4.50 -10.08
CA ASP A 183 24.09 3.50 -10.21
C ASP A 183 25.37 3.98 -9.52
N ASP A 184 26.43 4.18 -10.31
CA ASP A 184 27.72 4.64 -9.81
C ASP A 184 28.26 3.70 -8.73
N VAL A 185 28.00 2.40 -8.90
CA VAL A 185 28.43 1.42 -7.91
C VAL A 185 29.41 0.42 -8.54
N ASN A 186 29.00 -0.27 -9.60
CA ASN A 186 29.91 -1.19 -10.26
C ASN A 186 30.59 -0.53 -11.45
N LYS A 187 29.80 -0.10 -12.44
CA LYS A 187 30.30 0.70 -13.56
C LYS A 187 30.02 2.17 -13.29
N VAL A 188 30.80 2.72 -12.37
CA VAL A 188 30.64 4.10 -11.93
C VAL A 188 31.00 5.06 -13.07
N HIS A 189 30.12 6.03 -13.33
CA HIS A 189 30.33 7.07 -14.32
C HIS A 189 29.72 8.37 -13.82
N LEU A 190 30.53 9.42 -13.74
CA LEU A 190 30.05 10.70 -13.24
C LEU A 190 30.69 11.83 -14.02
N LYS A 191 29.87 12.83 -14.38
CA LYS A 191 30.33 14.10 -14.95
C LYS A 191 29.62 15.21 -14.17
N LEU A 192 30.28 15.67 -13.11
CA LEU A 192 29.68 16.58 -12.13
C LEU A 192 29.94 18.02 -12.56
N GLU A 193 29.71 18.97 -11.64
CA GLU A 193 29.84 20.38 -11.97
C GLU A 193 31.24 20.71 -12.49
N GLY A 194 31.28 21.50 -13.56
CA GLY A 194 32.54 21.92 -14.14
C GLY A 194 33.06 20.98 -15.21
N VAL A 195 32.58 19.74 -15.21
CA VAL A 195 33.03 18.76 -16.19
C VAL A 195 32.41 19.09 -17.54
N SER A 196 33.27 19.35 -18.53
CA SER A 196 32.80 19.70 -19.87
C SER A 196 33.60 18.97 -20.95
N SER A 197 34.68 18.32 -20.55
CA SER A 197 35.60 17.72 -21.50
C SER A 197 36.29 16.55 -20.84
N PRO A 198 36.95 15.69 -21.62
CA PRO A 198 37.59 14.49 -21.03
C PRO A 198 38.63 14.79 -19.96
N GLU A 199 39.18 16.00 -19.90
CA GLU A 199 40.16 16.33 -18.86
C GLU A 199 39.55 16.20 -17.47
N ASP A 200 38.36 16.78 -17.25
CA ASP A 200 37.70 16.63 -15.96
C ASP A 200 37.22 15.20 -15.71
N ILE A 201 36.79 14.51 -16.76
CA ILE A 201 36.40 13.11 -16.61
C ILE A 201 37.58 12.30 -16.08
N LYS A 202 38.75 12.51 -16.64
CA LYS A 202 39.96 11.87 -16.13
C LYS A 202 40.32 12.39 -14.74
N LEU A 203 39.97 13.64 -14.44
CA LEU A 203 40.20 14.17 -13.09
C LEU A 203 39.44 13.36 -12.05
N ILE A 204 38.19 12.98 -12.33
CA ILE A 204 37.50 12.04 -11.46
C ILE A 204 38.21 10.69 -11.53
N GLN A 205 38.30 10.14 -12.74
CA GLN A 205 38.83 8.80 -13.01
C GLN A 205 40.10 8.46 -12.24
N SER A 206 41.13 9.31 -12.38
CA SER A 206 42.47 9.04 -11.88
C SER A 206 42.49 8.71 -10.40
N ARG A 207 41.66 9.37 -9.61
CA ARG A 207 41.62 9.07 -8.18
C ARG A 207 40.54 8.05 -7.85
N LEU A 208 39.44 8.06 -8.61
CA LEU A 208 38.34 7.15 -8.31
C LEU A 208 38.78 5.70 -8.53
N GLU A 209 39.13 5.35 -9.76
CA GLU A 209 39.32 3.94 -10.10
C GLU A 209 40.67 3.42 -9.57
N SER A 210 41.69 4.27 -9.56
CA SER A 210 43.02 3.82 -9.16
C SER A 210 43.04 3.37 -7.70
N VAL A 211 42.35 4.11 -6.83
CA VAL A 211 42.28 3.73 -5.43
C VAL A 211 41.59 2.37 -5.33
N GLU A 212 42.07 1.53 -4.41
CA GLU A 212 41.69 0.12 -4.32
C GLU A 212 40.19 -0.09 -4.20
N GLY A 213 39.74 -1.31 -4.51
CA GLY A 213 38.33 -1.63 -4.53
C GLY A 213 37.82 -1.86 -5.94
N VAL A 214 38.74 -2.18 -6.86
CA VAL A 214 38.39 -2.39 -8.25
C VAL A 214 38.94 -3.75 -8.71
N ASN A 215 38.31 -4.34 -9.72
CA ASN A 215 38.82 -5.57 -10.31
C ASN A 215 39.22 -5.33 -11.76
N ASN A 216 39.02 -4.10 -12.24
CA ASN A 216 39.42 -3.68 -13.56
C ASN A 216 38.90 -4.60 -14.66
N VAL A 217 37.58 -4.64 -14.84
CA VAL A 217 36.98 -5.39 -15.94
C VAL A 217 37.33 -4.64 -17.22
N GLU A 218 38.24 -5.22 -18.02
CA GLU A 218 38.76 -4.70 -19.28
C GLU A 218 39.16 -3.23 -19.22
N CYS A 219 39.55 -2.67 -20.36
CA CYS A 219 39.95 -1.27 -20.47
C CYS A 219 39.47 -0.73 -21.81
N ASP A 220 38.62 0.30 -21.78
CA ASP A 220 38.11 0.90 -23.00
C ASP A 220 38.99 2.04 -23.49
N THR A 221 40.15 2.23 -22.83
CA THR A 221 41.14 3.24 -23.22
C THR A 221 40.51 4.61 -23.45
N ALA A 222 39.97 5.20 -22.38
CA ALA A 222 39.29 6.50 -22.43
C ALA A 222 38.03 6.45 -23.29
N GLY A 223 37.24 5.39 -23.12
CA GLY A 223 35.98 5.27 -23.82
C GLY A 223 34.82 5.87 -23.04
N GLN A 224 35.03 7.09 -22.52
CA GLN A 224 34.02 7.79 -21.72
C GLN A 224 33.56 6.94 -20.54
N THR A 225 32.44 6.23 -20.71
CA THR A 225 31.87 5.41 -19.65
C THR A 225 32.53 4.02 -19.64
N ILE A 226 33.78 4.00 -19.19
CA ILE A 226 34.55 2.76 -19.14
C ILE A 226 33.98 1.86 -18.05
N ILE A 227 33.50 0.68 -18.44
CA ILE A 227 32.87 -0.23 -17.50
C ILE A 227 33.89 -1.20 -16.91
N VAL A 228 34.38 -0.88 -15.71
CA VAL A 228 35.27 -1.74 -14.96
C VAL A 228 34.59 -2.11 -13.65
N ALA A 229 35.04 -3.21 -13.05
CA ALA A 229 34.44 -3.66 -11.81
C ALA A 229 34.85 -2.74 -10.65
N TYR A 230 34.02 -2.75 -9.62
CA TYR A 230 34.28 -1.96 -8.43
C TYR A 230 33.63 -2.67 -7.24
N ASP A 231 34.06 -2.30 -6.03
CA ASP A 231 33.55 -2.89 -4.80
C ASP A 231 32.90 -1.80 -3.95
N PRO A 232 31.60 -1.54 -4.18
CA PRO A 232 30.92 -0.50 -3.41
C PRO A 232 30.55 -0.94 -1.99
N ASP A 233 30.98 -2.13 -1.59
CA ASP A 233 30.60 -2.66 -0.29
C ASP A 233 31.44 -2.08 0.84
N VAL A 234 32.75 -2.34 0.80
CA VAL A 234 33.63 -1.87 1.87
C VAL A 234 34.36 -0.60 1.46
N THR A 235 35.19 -0.71 0.42
CA THR A 235 35.88 0.45 -0.13
C THR A 235 35.01 1.07 -1.23
N GLY A 236 33.93 1.69 -0.78
CA GLY A 236 32.88 2.14 -1.67
C GLY A 236 32.56 3.61 -1.55
N PRO A 237 31.28 3.91 -1.24
CA PRO A 237 30.79 5.29 -1.25
C PRO A 237 31.71 6.34 -0.64
N ARG A 238 32.10 6.17 0.62
CA ARG A 238 32.92 7.18 1.29
C ARG A 238 34.22 7.41 0.54
N LEU A 239 34.97 6.33 0.27
CA LEU A 239 36.28 6.42 -0.35
C LEU A 239 36.17 6.97 -1.76
N LEU A 240 35.27 6.41 -2.56
CA LEU A 240 35.09 6.84 -3.94
C LEU A 240 34.71 8.31 -4.01
N ILE A 241 33.68 8.71 -3.26
CA ILE A 241 33.22 10.09 -3.27
C ILE A 241 34.27 11.07 -2.79
N GLN A 242 34.99 10.77 -1.70
CA GLN A 242 36.04 11.68 -1.26
C GLN A 242 37.24 11.71 -2.20
N CYS A 243 37.52 10.61 -2.91
CA CYS A 243 38.50 10.69 -3.98
C CYS A 243 38.05 11.63 -5.08
N ILE A 244 36.75 11.65 -5.37
CA ILE A 244 36.23 12.60 -6.37
C ILE A 244 36.55 14.04 -5.96
N GLN A 245 36.31 14.38 -4.70
CA GLN A 245 36.57 15.75 -4.25
C GLN A 245 38.06 16.06 -4.20
N ASP A 246 38.86 15.20 -3.57
CA ASP A 246 40.26 15.57 -3.33
C ASP A 246 41.06 15.51 -4.63
N ALA A 247 40.57 14.75 -5.62
CA ALA A 247 41.19 14.80 -6.94
C ALA A 247 40.96 16.13 -7.64
N ALA A 248 39.94 16.88 -7.23
CA ALA A 248 39.52 18.07 -7.95
C ALA A 248 40.26 19.31 -7.45
N GLN A 249 40.62 20.16 -8.41
CA GLN A 249 41.10 21.51 -8.17
C GLN A 249 40.05 22.40 -8.80
N PRO A 250 39.55 23.40 -8.07
CA PRO A 250 38.21 23.94 -8.36
C PRO A 250 38.20 24.95 -9.49
N PRO A 251 37.49 24.67 -10.59
CA PRO A 251 36.71 25.74 -11.22
C PRO A 251 35.33 25.79 -10.57
N LYS A 252 34.90 24.62 -10.08
CA LYS A 252 33.70 24.46 -9.28
C LYS A 252 33.87 23.50 -8.11
N TYR A 253 34.99 22.76 -8.06
CA TYR A 253 35.30 21.85 -6.96
C TYR A 253 34.24 20.76 -6.79
N PHE A 254 34.27 19.73 -7.64
CA PHE A 254 33.30 18.64 -7.67
C PHE A 254 32.75 18.33 -6.28
N ASN A 255 31.42 18.29 -6.14
CA ASN A 255 30.77 18.15 -4.83
C ASN A 255 29.78 16.98 -4.76
N ALA A 256 30.20 15.80 -5.22
CA ALA A 256 29.43 14.59 -4.95
C ALA A 256 28.01 14.67 -5.51
N SER A 257 27.86 14.63 -6.82
CA SER A 257 26.56 14.72 -7.46
C SER A 257 26.20 13.37 -8.07
N LEU A 258 26.41 12.31 -7.28
CA LEU A 258 26.15 10.93 -7.66
C LEU A 258 24.81 10.78 -8.36
N TYR A 259 24.83 10.06 -9.49
CA TYR A 259 23.59 9.75 -10.19
C TYR A 259 22.79 8.72 -9.40
N SER A 260 21.82 9.19 -8.63
CA SER A 260 21.02 8.33 -7.80
C SER A 260 19.57 8.83 -7.85
N PRO A 261 18.59 7.95 -7.63
CA PRO A 261 17.18 8.40 -7.69
C PRO A 261 16.87 9.39 -6.58
N PRO A 262 16.49 10.62 -6.94
CA PRO A 262 15.99 11.56 -5.93
C PRO A 262 14.58 11.26 -5.47
N LYS A 263 14.32 10.04 -4.98
CA LYS A 263 12.98 9.48 -4.98
C LYS A 263 12.50 9.49 -6.42
N GLN A 264 13.14 8.69 -7.28
CA GLN A 264 12.83 8.69 -8.72
C GLN A 264 11.33 8.65 -8.98
N ARG A 265 10.56 8.10 -8.03
CA ARG A 265 9.12 8.22 -8.11
C ARG A 265 8.68 9.68 -8.09
N GLU A 266 9.32 10.49 -7.23
CA GLU A 266 8.94 11.90 -7.11
C GLU A 266 9.19 12.62 -8.43
N ALA A 267 10.39 12.50 -8.99
CA ALA A 267 10.69 13.14 -10.26
C ALA A 267 9.78 12.60 -11.36
N GLU A 268 9.53 11.30 -11.34
CA GLU A 268 8.73 10.68 -12.38
C GLU A 268 7.30 11.23 -12.38
N ARG A 269 6.61 11.22 -11.23
CA ARG A 269 5.24 11.68 -11.27
C ARG A 269 5.20 13.19 -11.36
N HIS A 270 6.27 13.87 -10.94
CA HIS A 270 6.38 15.30 -11.23
C HIS A 270 6.31 15.55 -12.72
N HIS A 271 7.12 14.82 -13.49
CA HIS A 271 7.11 14.97 -14.94
C HIS A 271 5.75 14.56 -15.53
N GLU A 272 5.17 13.49 -15.00
CA GLU A 272 3.90 13.00 -15.55
C GLU A 272 2.76 13.98 -15.31
N ILE A 273 2.67 14.50 -14.07
CA ILE A 273 1.67 15.51 -13.75
C ILE A 273 1.91 16.77 -14.56
N ARG A 274 3.18 17.16 -14.71
CA ARG A 274 3.50 18.31 -15.55
C ARG A 274 3.00 18.10 -16.97
N ASN A 275 3.26 16.93 -17.54
CA ASN A 275 2.87 16.59 -18.89
C ASN A 275 1.35 16.67 -19.07
N TYR A 276 0.60 15.97 -18.22
CA TYR A 276 -0.85 15.94 -18.40
C TYR A 276 -1.49 17.29 -18.07
N ARG A 277 -0.99 17.97 -17.03
CA ARG A 277 -1.49 19.29 -16.70
C ARG A 277 -1.29 20.26 -17.86
N ASN A 278 -0.10 20.27 -18.43
CA ASN A 278 0.18 21.15 -19.57
C ASN A 278 -0.69 20.78 -20.76
N GLN A 279 -0.83 19.48 -21.03
CA GLN A 279 -1.62 19.06 -22.18
C GLN A 279 -3.07 19.50 -22.04
N PHE A 280 -3.64 19.32 -20.85
CA PHE A 280 -5.02 19.75 -20.59
C PHE A 280 -5.13 21.27 -20.66
N LEU A 281 -4.12 21.98 -20.17
CA LEU A 281 -4.19 23.44 -20.12
C LEU A 281 -4.06 24.05 -21.51
N TRP A 282 -3.28 23.41 -22.39
CA TRP A 282 -3.25 23.87 -23.77
C TRP A 282 -4.50 23.43 -24.52
N SER A 283 -5.11 22.32 -24.10
CA SER A 283 -6.39 21.94 -24.70
C SER A 283 -7.47 22.96 -24.43
N CYS A 284 -7.60 23.39 -23.17
CA CYS A 284 -8.67 24.32 -22.83
C CYS A 284 -8.47 25.65 -23.56
N LEU A 285 -7.22 25.99 -23.87
CA LEU A 285 -6.87 27.23 -24.57
C LEU A 285 -7.64 27.36 -25.87
N PHE A 286 -7.80 26.27 -26.62
CA PHE A 286 -8.66 26.33 -27.80
C PHE A 286 -10.10 26.01 -27.45
N SER A 287 -10.32 25.04 -26.55
CA SER A 287 -11.66 24.54 -26.32
C SER A 287 -12.61 25.63 -25.83
N VAL A 288 -12.17 26.42 -24.85
CA VAL A 288 -13.04 27.42 -24.24
C VAL A 288 -13.47 28.47 -25.28
N PRO A 289 -12.55 29.01 -26.11
CA PRO A 289 -13.00 29.92 -27.17
C PRO A 289 -14.14 29.38 -28.01
N VAL A 290 -13.95 28.23 -28.64
CA VAL A 290 -14.86 27.69 -29.66
C VAL A 290 -16.27 27.57 -29.10
N PHE A 291 -16.38 27.05 -27.88
CA PHE A 291 -17.69 26.92 -27.24
C PHE A 291 -18.37 28.27 -27.14
N MET A 292 -17.62 29.28 -26.72
CA MET A 292 -18.16 30.63 -26.60
C MET A 292 -18.61 31.17 -27.96
N PHE A 293 -17.74 31.10 -28.97
CA PHE A 293 -18.00 31.73 -30.25
C PHE A 293 -19.24 31.19 -30.95
N SER A 294 -19.72 30.02 -30.58
CA SER A 294 -20.84 29.41 -31.29
C SER A 294 -21.95 29.05 -30.32
N MET A 295 -21.81 29.44 -29.05
CA MET A 295 -22.94 29.30 -28.14
C MET A 295 -23.41 30.64 -27.61
N VAL A 296 -22.48 31.43 -27.07
CA VAL A 296 -22.86 32.64 -26.35
C VAL A 296 -22.74 33.85 -27.27
N LEU A 297 -21.60 33.97 -27.94
CA LEU A 297 -21.30 35.13 -28.77
C LEU A 297 -22.34 35.40 -29.84
N PRO A 298 -22.86 34.40 -30.57
CA PRO A 298 -23.88 34.71 -31.60
C PRO A 298 -25.10 35.43 -31.05
N MET A 299 -25.47 35.18 -29.80
CA MET A 299 -26.65 35.82 -29.23
C MET A 299 -26.44 37.32 -29.05
N ILE A 300 -25.20 37.79 -29.04
CA ILE A 300 -24.90 39.20 -28.85
C ILE A 300 -24.29 39.76 -30.13
N SER A 301 -24.55 41.05 -30.36
CA SER A 301 -24.20 41.75 -31.59
C SER A 301 -23.43 43.02 -31.23
N PRO A 302 -22.73 43.66 -32.19
CA PRO A 302 -22.54 43.31 -33.60
C PRO A 302 -21.52 42.20 -33.85
N PHE A 303 -21.06 41.54 -32.78
CA PHE A 303 -20.00 40.55 -32.91
C PHE A 303 -20.44 39.38 -33.80
N GLY A 304 -21.59 38.79 -33.49
CA GLY A 304 -22.15 37.78 -34.36
C GLY A 304 -22.39 38.31 -35.76
N ASP A 305 -22.82 39.58 -35.84
CA ASP A 305 -22.98 40.22 -37.14
C ASP A 305 -21.68 40.20 -37.93
N TRP A 306 -20.55 40.43 -37.25
CA TRP A 306 -19.27 40.25 -37.91
C TRP A 306 -19.10 38.81 -38.36
N LEU A 307 -19.46 37.86 -37.49
CA LEU A 307 -19.30 36.46 -37.85
C LEU A 307 -20.19 36.04 -39.01
N PHE A 308 -21.28 36.79 -39.24
CA PHE A 308 -22.19 36.43 -40.33
C PHE A 308 -21.75 37.01 -41.66
N TYR A 309 -20.73 37.87 -41.67
CA TYR A 309 -20.23 38.43 -42.92
C TYR A 309 -19.80 37.33 -43.87
N LYS A 310 -20.51 37.22 -44.99
CA LYS A 310 -20.17 36.22 -46.00
C LYS A 310 -18.81 36.53 -46.61
N VAL A 311 -18.08 35.47 -46.92
CA VAL A 311 -16.78 35.61 -47.58
C VAL A 311 -16.81 34.79 -48.85
N CYS A 312 -17.73 33.83 -48.92
CA CYS A 312 -17.94 33.02 -50.12
C CYS A 312 -19.27 32.28 -50.00
N ASN A 313 -20.10 32.39 -51.04
CA ASN A 313 -21.42 31.78 -51.05
C ASN A 313 -22.17 32.05 -49.75
N ASN A 314 -22.37 30.99 -48.95
CA ASN A 314 -23.02 31.12 -47.65
C ASN A 314 -22.08 30.80 -46.49
N MET A 315 -20.96 30.15 -46.74
CA MET A 315 -20.01 29.91 -45.66
C MET A 315 -19.45 31.24 -45.17
N THR A 316 -19.30 31.37 -43.86
CA THR A 316 -19.02 32.65 -43.25
C THR A 316 -17.75 32.58 -42.43
N ILE A 317 -17.46 33.69 -41.75
CA ILE A 317 -16.25 33.79 -40.93
C ILE A 317 -16.32 32.83 -39.76
N GLY A 318 -17.51 32.67 -39.19
CA GLY A 318 -17.70 31.81 -38.04
C GLY A 318 -17.20 30.41 -38.24
N MET A 319 -17.69 29.74 -39.29
CA MET A 319 -17.22 28.38 -39.56
C MET A 319 -15.74 28.34 -39.87
N LEU A 320 -15.24 29.36 -40.57
CA LEU A 320 -13.81 29.39 -40.91
C LEU A 320 -12.95 29.38 -39.66
N LEU A 321 -13.19 30.33 -38.76
CA LEU A 321 -12.39 30.41 -37.55
C LEU A 321 -12.64 29.21 -36.64
N ARG A 322 -13.86 28.68 -36.65
CA ARG A 322 -14.18 27.53 -35.82
C ARG A 322 -13.39 26.31 -36.26
N TRP A 323 -13.37 26.06 -37.57
CA TRP A 323 -12.58 24.99 -38.16
C TRP A 323 -11.10 25.16 -37.84
N LEU A 324 -10.60 26.39 -38.01
CA LEU A 324 -9.19 26.65 -37.76
C LEU A 324 -8.83 26.37 -36.31
N LEU A 325 -9.71 26.78 -35.38
CA LEU A 325 -9.41 26.63 -33.96
C LEU A 325 -9.58 25.20 -33.49
N CYS A 326 -10.46 24.43 -34.13
CA CYS A 326 -10.71 23.06 -33.70
C CYS A 326 -9.84 22.03 -34.41
N SER A 327 -9.12 22.41 -35.46
CA SER A 327 -8.17 21.46 -36.03
C SER A 327 -7.07 21.06 -35.05
N PRO A 328 -6.42 21.97 -34.29
CA PRO A 328 -5.40 21.53 -33.34
C PRO A 328 -5.92 20.53 -32.33
N VAL A 329 -7.12 20.77 -31.81
CA VAL A 329 -7.67 20.04 -30.67
C VAL A 329 -7.62 18.54 -30.93
N GLN A 330 -8.05 18.12 -32.12
CA GLN A 330 -7.92 16.71 -32.45
C GLN A 330 -6.55 16.38 -33.02
N PHE A 331 -6.11 17.09 -34.06
CA PHE A 331 -4.97 16.61 -34.82
C PHE A 331 -3.69 16.58 -33.99
N ILE A 332 -3.44 17.62 -33.20
CA ILE A 332 -2.19 17.70 -32.45
C ILE A 332 -2.37 17.14 -31.05
N ILE A 333 -3.24 17.77 -30.26
CA ILE A 333 -3.36 17.43 -28.84
C ILE A 333 -3.92 16.02 -28.67
N GLY A 334 -4.96 15.70 -29.43
CA GLY A 334 -5.56 14.38 -29.34
C GLY A 334 -4.81 13.41 -30.23
N TRP A 335 -3.84 12.71 -29.66
CA TRP A 335 -2.99 11.83 -30.46
C TRP A 335 -3.08 10.45 -29.86
N ARG A 336 -3.12 10.40 -28.52
CA ARG A 336 -3.39 9.19 -27.78
C ARG A 336 -4.66 8.58 -28.32
N PHE A 337 -5.67 9.41 -28.53
CA PHE A 337 -6.92 8.98 -29.13
C PHE A 337 -6.68 8.74 -30.61
N TYR A 338 -6.28 7.50 -30.94
CA TYR A 338 -5.77 7.04 -32.22
C TYR A 338 -4.61 6.09 -31.97
N VAL A 339 -3.56 6.58 -31.30
CA VAL A 339 -2.40 5.74 -31.03
C VAL A 339 -2.79 4.55 -30.17
N GLY A 340 -3.46 4.82 -29.06
CA GLY A 340 -3.91 3.73 -28.19
C GLY A 340 -4.95 2.85 -28.87
N ALA A 341 -5.84 3.47 -29.64
CA ALA A 341 -6.90 2.72 -30.31
C ALA A 341 -6.34 1.71 -31.29
N TYR A 342 -5.28 2.09 -32.01
CA TYR A 342 -4.69 1.20 -32.98
C TYR A 342 -4.13 -0.06 -32.33
N HIS A 343 -3.55 0.10 -31.13
CA HIS A 343 -3.04 -1.06 -30.40
C HIS A 343 -4.13 -2.08 -30.15
N ALA A 344 -5.26 -1.64 -29.59
CA ALA A 344 -6.36 -2.55 -29.30
C ALA A 344 -6.94 -3.14 -30.58
N LEU A 345 -7.16 -2.30 -31.60
CA LEU A 345 -7.81 -2.78 -32.81
C LEU A 345 -6.95 -3.80 -33.54
N LYS A 346 -5.64 -3.56 -33.60
CA LYS A 346 -4.76 -4.50 -34.27
C LYS A 346 -4.74 -5.85 -33.56
N ARG A 347 -4.92 -5.85 -32.24
CA ARG A 347 -4.89 -7.09 -31.48
C ARG A 347 -6.22 -7.84 -31.52
N GLY A 348 -7.29 -7.21 -32.01
CA GLY A 348 -8.58 -7.86 -32.08
C GLY A 348 -9.53 -7.57 -30.94
N TYR A 349 -9.25 -6.51 -30.19
CA TYR A 349 -10.15 -6.11 -29.11
C TYR A 349 -10.37 -4.60 -29.14
N SER A 350 -11.02 -4.07 -28.11
CA SER A 350 -11.27 -2.64 -28.06
C SER A 350 -11.35 -2.13 -26.65
N ASN A 351 -11.55 -0.82 -26.51
CA ASN A 351 -11.60 -0.22 -25.20
C ASN A 351 -12.21 1.16 -25.29
N MET A 352 -12.14 1.92 -24.20
CA MET A 352 -12.70 3.26 -24.20
C MET A 352 -12.20 4.06 -25.36
N ASP A 353 -10.89 4.22 -25.45
CA ASP A 353 -10.34 5.03 -26.49
C ASP A 353 -11.09 4.78 -27.76
N VAL A 354 -11.14 3.53 -28.19
CA VAL A 354 -11.78 3.23 -29.45
C VAL A 354 -13.00 4.11 -29.66
N LEU A 355 -13.96 4.06 -28.74
CA LEU A 355 -15.18 4.82 -28.93
C LEU A 355 -14.91 6.30 -29.02
N VAL A 356 -14.26 6.86 -28.01
CA VAL A 356 -14.09 8.30 -27.95
C VAL A 356 -13.54 8.81 -29.28
N ALA A 357 -12.54 8.09 -29.81
CA ALA A 357 -11.92 8.46 -31.06
C ALA A 357 -12.95 8.47 -32.19
N LEU A 358 -13.74 7.40 -32.30
CA LEU A 358 -14.73 7.31 -33.35
C LEU A 358 -15.74 8.44 -33.23
N GLY A 359 -16.21 8.72 -32.01
CA GLY A 359 -17.16 9.80 -31.82
C GLY A 359 -16.64 11.13 -32.29
N THR A 360 -15.49 11.56 -31.76
CA THR A 360 -14.97 12.87 -32.10
C THR A 360 -14.62 12.96 -33.58
N ASN A 361 -14.07 11.88 -34.14
CA ASN A 361 -13.68 11.87 -35.54
C ASN A 361 -14.91 12.02 -36.44
N ALA A 362 -15.97 11.28 -36.13
CA ALA A 362 -17.19 11.37 -36.91
C ALA A 362 -17.79 12.77 -36.84
N ALA A 363 -17.81 13.36 -35.64
CA ALA A 363 -18.35 14.70 -35.50
C ALA A 363 -17.54 15.71 -36.32
N TYR A 364 -16.22 15.61 -36.26
CA TYR A 364 -15.37 16.54 -36.99
C TYR A 364 -15.59 16.42 -38.50
N PHE A 365 -15.59 15.20 -39.01
CA PHE A 365 -15.75 15.07 -40.47
C PHE A 365 -17.15 15.43 -40.91
N TYR A 366 -18.17 15.22 -40.07
CA TYR A 366 -19.50 15.70 -40.42
C TYR A 366 -19.51 17.21 -40.51
N SER A 367 -18.82 17.88 -39.59
CA SER A 367 -18.76 19.35 -39.68
C SER A 367 -18.04 19.80 -40.94
N VAL A 368 -16.98 19.08 -41.33
CA VAL A 368 -16.28 19.41 -42.57
C VAL A 368 -17.22 19.26 -43.75
N TYR A 369 -17.96 18.16 -43.77
CA TYR A 369 -18.97 17.93 -44.81
C TYR A 369 -19.99 19.05 -44.88
N ILE A 370 -20.44 19.55 -43.72
CA ILE A 370 -21.49 20.57 -43.73
C ILE A 370 -20.90 21.90 -44.19
N VAL A 371 -19.61 22.14 -43.91
CA VAL A 371 -18.97 23.38 -44.33
C VAL A 371 -18.79 23.40 -45.85
N LEU A 372 -18.44 22.24 -46.42
CA LEU A 372 -18.26 22.18 -47.87
C LEU A 372 -19.55 22.56 -48.61
N LYS A 373 -20.69 22.03 -48.15
CA LYS A 373 -21.96 22.35 -48.79
C LYS A 373 -22.24 23.84 -48.72
N ALA A 374 -21.94 24.45 -47.58
CA ALA A 374 -22.14 25.89 -47.42
C ALA A 374 -21.27 26.67 -48.40
N LEU A 375 -20.02 26.23 -48.58
CA LEU A 375 -19.11 27.01 -49.42
C LEU A 375 -19.40 26.84 -50.91
N THR A 376 -19.79 25.64 -51.34
CA THR A 376 -20.03 25.43 -52.77
C THR A 376 -21.27 26.17 -53.25
N SER A 377 -22.36 26.09 -52.49
CA SER A 377 -23.64 26.64 -52.91
C SER A 377 -24.13 27.65 -51.89
N GLU A 378 -24.58 28.81 -52.38
CA GLU A 378 -25.19 29.79 -51.50
C GLU A 378 -26.64 29.48 -51.17
N SER A 379 -27.24 28.49 -51.84
CA SER A 379 -28.61 28.11 -51.52
C SER A 379 -28.69 27.44 -50.16
N PHE A 380 -27.61 26.80 -49.73
CA PHE A 380 -27.60 26.04 -48.49
C PHE A 380 -27.08 26.89 -47.33
N GLU A 381 -27.62 26.60 -46.14
CA GLU A 381 -27.30 27.39 -44.95
C GLU A 381 -27.12 26.53 -43.71
N GLY A 382 -26.66 25.29 -43.88
CA GLY A 382 -26.58 24.34 -42.78
C GLY A 382 -25.79 24.75 -41.57
N GLN A 383 -25.88 23.97 -40.49
CA GLN A 383 -25.24 24.25 -39.22
C GLN A 383 -24.03 23.37 -39.02
N ASP A 384 -23.15 23.80 -38.11
CA ASP A 384 -21.88 23.12 -37.87
C ASP A 384 -21.88 22.51 -36.48
N PHE A 385 -20.90 21.65 -36.24
CA PHE A 385 -20.67 21.05 -34.92
C PHE A 385 -19.18 20.94 -34.67
N PHE A 386 -18.66 21.79 -33.81
CA PHE A 386 -17.27 21.69 -33.36
C PHE A 386 -17.16 21.78 -31.85
N GLU A 387 -18.16 22.35 -31.18
CA GLU A 387 -18.17 22.49 -29.73
C GLU A 387 -18.07 21.13 -29.06
N THR A 388 -18.78 20.14 -29.59
CA THR A 388 -18.68 18.78 -29.09
C THR A 388 -17.26 18.28 -29.17
N SER A 389 -16.65 18.38 -30.35
CA SER A 389 -15.31 17.85 -30.56
C SER A 389 -14.27 18.57 -29.69
N ALA A 390 -14.54 19.80 -29.27
CA ALA A 390 -13.62 20.45 -28.36
C ALA A 390 -13.86 20.01 -26.91
N MET A 391 -15.08 20.24 -26.43
CA MET A 391 -15.45 20.05 -25.04
C MET A 391 -15.26 18.60 -24.58
N LEU A 392 -15.70 17.64 -25.39
CA LEU A 392 -15.60 16.24 -25.00
C LEU A 392 -14.15 15.84 -24.75
N ILE A 393 -13.28 16.20 -25.70
CA ILE A 393 -11.86 15.87 -25.58
C ILE A 393 -11.27 16.55 -24.36
N SER A 394 -11.63 17.81 -24.14
CA SER A 394 -11.08 18.54 -22.99
C SER A 394 -11.42 17.84 -21.68
N PHE A 395 -12.69 17.49 -21.49
CA PHE A 395 -13.07 16.87 -20.22
C PHE A 395 -12.50 15.47 -20.07
N ILE A 396 -12.36 14.73 -21.18
CA ILE A 396 -11.75 13.41 -21.06
C ILE A 396 -10.30 13.53 -20.61
N LEU A 397 -9.58 14.50 -21.19
CA LEU A 397 -8.20 14.72 -20.76
C LEU A 397 -8.15 15.13 -19.29
N LEU A 398 -9.11 15.94 -18.85
CA LEU A 398 -9.20 16.29 -17.44
C LEU A 398 -9.36 15.05 -16.56
N GLY A 399 -10.18 14.11 -17.03
CA GLY A 399 -10.36 12.87 -16.28
C GLY A 399 -9.07 12.09 -16.13
N LYS A 400 -8.32 11.96 -17.23
CA LYS A 400 -7.04 11.26 -17.15
C LYS A 400 -6.08 11.98 -16.20
N TYR A 401 -6.10 13.32 -16.24
CA TYR A 401 -5.29 14.10 -15.31
C TYR A 401 -5.64 13.79 -13.87
N LEU A 402 -6.94 13.75 -13.55
CA LEU A 402 -7.34 13.44 -12.19
C LEU A 402 -6.89 12.05 -11.78
N GLU A 403 -6.97 11.09 -12.71
CA GLU A 403 -6.48 9.74 -12.42
C GLU A 403 -5.02 9.77 -12.01
N VAL A 404 -4.17 10.43 -12.79
CA VAL A 404 -2.73 10.39 -12.50
C VAL A 404 -2.41 11.21 -11.25
N VAL A 405 -3.22 12.23 -10.95
CA VAL A 405 -3.04 12.96 -9.69
C VAL A 405 -3.34 12.04 -8.51
N ALA A 406 -4.39 11.23 -8.63
CA ALA A 406 -4.70 10.26 -7.57
C ALA A 406 -3.55 9.27 -7.41
N LYS A 407 -2.98 8.82 -8.53
CA LYS A 407 -1.85 7.90 -8.46
C LYS A 407 -0.67 8.53 -7.74
N GLY A 408 -0.37 9.79 -8.07
CA GLY A 408 0.71 10.51 -7.42
C GLY A 408 0.49 10.65 -5.93
N LYS A 409 -0.75 10.97 -5.54
CA LYS A 409 -1.06 11.08 -4.12
C LYS A 409 -0.85 9.76 -3.39
N THR A 410 -1.31 8.65 -3.98
CA THR A 410 -1.12 7.35 -3.35
C THR A 410 0.36 7.01 -3.24
N SER A 411 1.12 7.26 -4.31
CA SER A 411 2.55 6.94 -4.29
C SER A 411 3.27 7.77 -3.24
N ASP A 412 2.94 9.05 -3.11
CA ASP A 412 3.60 9.89 -2.12
C ASP A 412 3.21 9.48 -0.70
N ALA A 413 1.94 9.09 -0.51
CA ALA A 413 1.51 8.61 0.79
C ALA A 413 2.27 7.35 1.18
N LEU A 414 2.54 6.49 0.19
CA LEU A 414 3.43 5.36 0.43
C LEU A 414 4.84 5.83 0.79
N SER A 415 5.38 6.76 0.00
CA SER A 415 6.78 7.15 0.10
C SER A 415 7.11 7.76 1.45
N LYS A 416 6.23 8.63 1.96
CA LYS A 416 6.49 9.28 3.24
C LYS A 416 6.63 8.24 4.34
N LEU A 417 5.85 7.16 4.26
CA LEU A 417 5.95 6.09 5.25
C LEU A 417 7.19 5.23 5.01
N THR A 418 7.56 5.04 3.74
CA THR A 418 8.68 4.16 3.45
C THR A 418 10.03 4.78 3.80
N GLU A 419 10.11 6.10 3.86
CA GLU A 419 11.42 6.73 4.08
C GLU A 419 11.87 6.60 5.53
N LEU A 420 11.16 7.28 6.43
CA LEU A 420 11.44 7.28 7.87
C LEU A 420 12.93 7.24 8.20
N ALA A 421 13.72 8.10 7.58
CA ALA A 421 15.16 8.12 7.81
C ALA A 421 15.79 9.38 7.25
N PRO A 422 16.72 10.01 7.98
CA PRO A 422 17.45 11.15 7.41
C PRO A 422 18.49 10.67 6.41
N GLU A 423 18.73 11.49 5.39
CA GLU A 423 19.64 11.09 4.32
C GLU A 423 21.08 11.00 4.79
N THR A 424 21.43 11.72 5.85
CA THR A 424 22.81 11.79 6.33
C THR A 424 22.87 11.38 7.80
N ALA A 425 23.96 10.73 8.18
CA ALA A 425 24.21 10.34 9.55
C ALA A 425 25.57 10.87 10.00
N CYS A 426 25.69 11.14 11.29
CA CYS A 426 26.91 11.71 11.86
C CYS A 426 27.94 10.59 12.05
N LEU A 427 29.12 10.78 11.46
CA LEU A 427 30.16 9.75 11.46
C LEU A 427 31.23 10.13 12.48
N LEU A 428 31.08 9.62 13.70
CA LEU A 428 32.14 9.67 14.71
C LEU A 428 33.04 8.46 14.46
N THR A 429 34.13 8.67 13.73
CA THR A 429 34.96 7.56 13.29
C THR A 429 35.79 7.01 14.45
N LEU A 430 35.59 5.73 14.75
CA LEU A 430 36.44 5.00 15.69
C LEU A 430 36.28 3.51 15.40
N ASP A 431 37.29 2.73 15.79
CA ASP A 431 37.41 1.36 15.30
C ASP A 431 36.22 0.50 15.71
N LYS A 432 36.10 0.18 16.99
CA LYS A 432 34.90 -0.49 17.49
C LYS A 432 34.39 0.22 18.74
N ASP A 433 35.31 0.65 19.60
CA ASP A 433 34.97 1.30 20.85
C ASP A 433 36.24 1.97 21.37
N GLY A 434 36.21 3.30 21.48
CA GLY A 434 37.38 4.06 21.86
C GLY A 434 38.05 4.74 20.69
N ASN A 435 38.78 5.82 20.97
CA ASN A 435 39.48 6.62 19.96
C ASN A 435 38.49 7.29 19.01
N ALA A 436 37.53 7.99 19.60
CA ALA A 436 36.53 8.74 18.83
C ALA A 436 37.19 9.95 18.20
N ILE A 437 37.31 9.96 16.87
CA ILE A 437 38.06 10.99 16.16
C ILE A 437 37.28 12.30 16.13
N SER A 438 36.13 12.30 15.45
CA SER A 438 35.37 13.53 15.25
C SER A 438 34.01 13.18 14.66
N GLU A 439 32.98 13.93 15.06
CA GLU A 439 31.63 13.70 14.57
C GLU A 439 31.40 14.51 13.31
N THR A 440 31.39 13.84 12.15
CA THR A 440 31.10 14.49 10.88
C THR A 440 29.61 14.40 10.57
N GLU A 441 29.23 14.70 9.33
CA GLU A 441 27.85 14.54 8.90
C GLU A 441 27.77 14.29 7.40
N ILE A 442 27.64 13.04 7.00
CA ILE A 442 27.62 12.63 5.59
C ILE A 442 26.57 11.55 5.39
N SER A 443 26.34 11.18 4.13
CA SER A 443 25.20 10.37 3.72
C SER A 443 25.22 8.97 4.33
N THR A 444 24.03 8.38 4.49
CA THR A 444 23.89 7.10 5.19
C THR A 444 24.14 5.91 4.28
N GLN A 445 25.19 5.97 3.48
CA GLN A 445 25.72 4.81 2.77
C GLN A 445 27.24 4.89 2.86
N LEU A 446 27.72 5.97 3.47
CA LEU A 446 29.13 6.23 3.67
C LEU A 446 29.56 5.88 5.09
N LEU A 447 28.69 5.17 5.83
CA LEU A 447 28.97 4.87 7.22
C LEU A 447 28.78 3.39 7.55
N GLN A 448 29.10 2.49 6.63
CA GLN A 448 28.94 1.05 6.80
C GLN A 448 30.30 0.42 7.05
N ARG A 449 30.31 -0.88 7.37
CA ARG A 449 31.54 -1.67 7.53
C ARG A 449 32.41 -1.11 8.65
N ASN A 450 31.86 -1.23 9.87
CA ASN A 450 32.53 -0.87 11.12
C ASN A 450 32.61 0.64 11.29
N ASP A 451 32.10 1.40 10.33
CA ASP A 451 31.96 2.84 10.52
C ASP A 451 30.85 3.12 11.53
N VAL A 452 30.94 4.27 12.19
CA VAL A 452 30.24 4.49 13.44
C VAL A 452 29.33 5.70 13.29
N ILE A 453 28.09 5.58 13.76
CA ILE A 453 27.26 6.74 13.99
C ILE A 453 27.16 7.01 15.49
N LYS A 454 27.50 8.22 15.90
CA LYS A 454 27.26 8.63 17.29
C LYS A 454 25.97 9.46 17.35
N ILE A 455 24.85 8.74 17.33
CA ILE A 455 23.54 9.38 17.26
C ILE A 455 23.34 10.30 18.45
N VAL A 456 23.25 11.60 18.18
CA VAL A 456 23.03 12.62 19.21
C VAL A 456 21.52 12.79 19.34
N PRO A 457 21.03 13.49 20.37
CA PRO A 457 19.60 13.74 20.46
C PRO A 457 19.06 14.44 19.21
N GLY A 458 17.95 13.93 18.70
CA GLY A 458 17.31 14.47 17.53
C GLY A 458 17.82 13.96 16.20
N GLU A 459 18.84 13.11 16.17
CA GLU A 459 19.39 12.59 14.92
C GLU A 459 18.69 11.26 14.66
N LYS A 460 17.65 11.30 13.83
CA LYS A 460 16.79 10.14 13.62
C LYS A 460 17.60 8.95 13.10
N VAL A 461 17.27 7.76 13.61
CA VAL A 461 18.08 6.56 13.35
C VAL A 461 17.88 6.11 11.91
N PRO A 462 18.86 6.35 11.03
CA PRO A 462 18.67 6.04 9.61
C PRO A 462 18.94 4.60 9.20
N VAL A 463 19.92 3.95 9.82
CA VAL A 463 20.49 2.73 9.26
C VAL A 463 20.41 1.55 10.21
N ASP A 464 20.94 0.41 9.77
CA ASP A 464 21.08 -0.79 10.58
C ASP A 464 22.56 -1.14 10.73
N GLY A 465 22.84 -2.32 11.28
CA GLY A 465 24.21 -2.73 11.52
C GLY A 465 24.58 -2.57 12.99
N VAL A 466 25.09 -3.65 13.59
CA VAL A 466 25.19 -3.82 15.05
C VAL A 466 25.65 -2.55 15.74
N VAL A 467 24.97 -2.19 16.83
CA VAL A 467 25.37 -1.03 17.63
C VAL A 467 26.04 -1.56 18.89
N ILE A 468 27.37 -1.54 18.92
CA ILE A 468 28.10 -2.16 20.02
C ILE A 468 28.14 -1.28 21.26
N LYS A 469 27.96 0.03 21.11
CA LYS A 469 28.06 0.94 22.25
C LYS A 469 26.91 1.92 22.20
N GLY A 470 26.54 2.44 23.37
CA GLY A 470 25.49 3.42 23.45
C GLY A 470 24.21 2.89 24.08
N GLN A 471 23.28 3.82 24.32
CA GLN A 471 22.14 3.54 25.18
C GLN A 471 21.05 4.58 24.91
N SER A 472 19.90 4.15 24.36
CA SER A 472 18.88 5.11 23.92
C SER A 472 17.50 4.45 23.81
N HIS A 473 16.58 4.83 24.70
CA HIS A 473 15.26 4.20 24.82
C HIS A 473 14.28 4.62 23.73
N VAL A 474 14.77 5.18 22.62
CA VAL A 474 13.93 5.89 21.65
C VAL A 474 12.76 5.02 21.17
N ASN A 475 11.72 5.67 20.64
CA ASN A 475 10.41 5.05 20.48
C ASN A 475 10.44 3.99 19.39
N GLU A 476 11.05 2.84 19.73
CA GLU A 476 11.38 1.78 18.79
C GLU A 476 11.95 0.58 19.53
N SER A 477 12.48 -0.41 18.81
CA SER A 477 12.90 -1.65 19.43
C SER A 477 14.41 -1.94 19.44
N MET A 478 15.29 -1.05 18.99
CA MET A 478 16.71 -1.35 19.08
C MET A 478 17.23 -0.97 20.47
N ILE A 479 18.55 -0.99 20.64
CA ILE A 479 19.17 -0.84 21.95
C ILE A 479 18.67 0.43 22.63
N THR A 480 18.48 0.36 23.95
CA THR A 480 17.71 1.37 24.66
C THR A 480 18.44 1.93 25.89
N GLY A 481 17.82 2.93 26.51
CA GLY A 481 18.40 3.62 27.66
C GLY A 481 18.18 5.11 27.90
N GLU A 482 17.42 5.81 27.05
CA GLU A 482 17.09 7.21 27.29
C GLU A 482 15.57 7.39 27.26
N ALA A 483 14.95 7.41 28.44
CA ALA A 483 13.50 7.55 28.68
C ALA A 483 12.77 6.22 28.69
N ARG A 484 11.93 5.96 27.66
CA ARG A 484 10.99 4.83 27.64
C ARG A 484 11.65 3.49 27.93
N PRO A 485 11.44 2.92 29.13
CA PRO A 485 12.29 1.81 29.59
C PRO A 485 12.12 0.50 28.84
N ILE A 486 13.13 0.14 28.04
CA ILE A 486 13.26 -1.21 27.49
C ILE A 486 14.59 -1.80 27.96
N ALA A 487 15.62 -0.95 28.01
CA ALA A 487 16.90 -1.25 28.66
C ALA A 487 17.69 -2.40 28.04
N LYS A 488 18.19 -2.22 26.81
CA LYS A 488 19.24 -3.08 26.28
C LYS A 488 20.58 -2.40 26.59
N LYS A 489 21.50 -3.18 27.17
CA LYS A 489 22.88 -2.77 27.42
C LYS A 489 23.56 -2.60 26.07
N PRO A 490 24.55 -1.69 25.93
CA PRO A 490 25.22 -1.52 24.62
C PRO A 490 25.68 -2.82 23.97
N GLY A 491 25.21 -3.07 22.75
CA GLY A 491 25.53 -4.29 22.02
C GLY A 491 24.34 -5.20 21.83
N ASP A 492 23.73 -5.15 20.64
CA ASP A 492 22.55 -5.96 20.33
C ASP A 492 22.23 -5.88 18.84
N LYS A 493 21.64 -6.94 18.29
CA LYS A 493 21.43 -7.05 16.84
C LYS A 493 20.01 -6.60 16.47
N VAL A 494 19.77 -5.31 16.61
CA VAL A 494 18.66 -4.60 15.98
C VAL A 494 18.98 -3.12 16.13
N ILE A 495 18.79 -2.34 15.06
CA ILE A 495 19.42 -1.02 15.02
C ILE A 495 18.47 0.12 14.63
N GLY A 496 17.39 -0.19 13.91
CA GLY A 496 16.55 0.88 13.38
C GLY A 496 15.72 1.58 14.44
N GLY A 497 15.20 2.77 14.14
CA GLY A 497 14.42 3.50 15.12
C GLY A 497 14.12 4.93 14.69
N THR A 498 13.43 5.62 15.59
CA THR A 498 12.82 6.92 15.35
C THR A 498 13.66 8.00 16.04
N VAL A 499 13.20 9.25 16.16
CA VAL A 499 14.00 10.34 16.72
C VAL A 499 14.33 10.08 18.18
N ASN A 500 15.27 10.87 18.70
CA ASN A 500 16.00 10.54 19.91
C ASN A 500 15.45 11.21 21.16
N ASP A 501 16.22 11.10 22.24
CA ASP A 501 15.95 11.67 23.55
C ASP A 501 17.28 12.02 24.22
N ASN A 502 17.29 12.18 25.53
CA ASN A 502 18.48 12.62 26.26
C ASN A 502 19.59 11.57 26.39
N GLY A 503 20.44 11.47 25.37
CA GLY A 503 21.58 10.57 25.41
C GLY A 503 22.11 10.33 24.01
N CYS A 504 22.89 9.25 23.87
CA CYS A 504 23.53 8.96 22.60
C CYS A 504 23.86 7.48 22.51
N ILE A 505 24.11 7.01 21.28
CA ILE A 505 24.61 5.68 21.02
C ILE A 505 25.80 5.75 20.08
N ILE A 506 26.61 4.71 20.08
CA ILE A 506 27.82 4.62 19.26
C ILE A 506 27.72 3.34 18.43
N VAL A 507 27.41 3.50 17.14
CA VAL A 507 26.97 2.41 16.27
C VAL A 507 28.19 1.73 15.65
N LYS A 508 28.02 0.48 15.20
CA LYS A 508 29.10 -0.30 14.59
C LYS A 508 28.57 -0.99 13.32
N VAL A 509 28.01 -0.20 12.40
CA VAL A 509 27.28 -0.70 11.24
C VAL A 509 27.97 -1.87 10.55
N THR A 510 27.22 -2.95 10.35
CA THR A 510 27.61 -4.04 9.46
C THR A 510 26.82 -4.05 8.16
N HIS A 511 25.61 -3.51 8.17
CA HIS A 511 24.77 -3.40 6.98
C HIS A 511 23.75 -2.30 7.24
N VAL A 512 23.80 -1.23 6.44
CA VAL A 512 22.97 -0.06 6.65
C VAL A 512 21.50 -0.38 6.44
N GLY A 513 20.62 0.54 6.83
CA GLY A 513 19.21 0.38 6.62
C GLY A 513 18.76 0.72 5.21
N SER A 514 19.29 0.01 4.22
CA SER A 514 18.94 0.24 2.82
C SER A 514 18.33 -1.02 2.22
N GLU A 515 18.86 -2.18 2.60
CA GLU A 515 18.25 -3.44 2.17
C GLU A 515 17.00 -3.74 2.98
N THR A 516 16.65 -2.86 3.93
CA THR A 516 15.43 -3.00 4.73
C THR A 516 14.21 -3.18 3.83
N ALA A 517 13.16 -3.78 4.40
CA ALA A 517 12.03 -4.23 3.62
C ALA A 517 11.35 -3.11 2.84
N LEU A 518 11.29 -1.91 3.41
CA LEU A 518 10.46 -0.81 2.88
C LEU A 518 10.70 -0.56 1.40
N SER A 519 11.97 -0.58 0.99
CA SER A 519 12.34 -0.33 -0.39
C SER A 519 11.61 -1.28 -1.34
N GLN A 520 11.39 -2.51 -0.90
CA GLN A 520 10.68 -3.46 -1.74
C GLN A 520 9.24 -3.73 -1.31
N ILE A 521 8.76 -3.21 -0.18
CA ILE A 521 7.31 -2.98 -0.11
C ILE A 521 6.88 -2.03 -1.20
N VAL A 522 7.68 -0.99 -1.46
CA VAL A 522 7.36 -0.11 -2.58
C VAL A 522 7.19 -0.92 -3.86
N GLN A 523 8.16 -1.79 -4.15
CA GLN A 523 8.13 -2.59 -5.38
C GLN A 523 6.97 -3.59 -5.37
N LEU A 524 6.72 -4.22 -4.22
CA LEU A 524 5.68 -5.23 -4.13
C LEU A 524 4.30 -4.63 -4.34
N VAL A 525 4.03 -3.49 -3.68
CA VAL A 525 2.75 -2.84 -3.86
C VAL A 525 2.62 -2.24 -5.25
N GLU A 526 3.73 -1.84 -5.88
CA GLU A 526 3.65 -1.43 -7.28
C GLU A 526 3.28 -2.61 -8.18
N ALA A 527 3.86 -3.77 -7.90
CA ALA A 527 3.53 -4.97 -8.67
C ALA A 527 2.07 -5.35 -8.47
N ALA A 528 1.58 -5.25 -7.24
CA ALA A 528 0.17 -5.50 -6.96
C ALA A 528 -0.71 -4.51 -7.71
N GLN A 529 -0.30 -3.24 -7.73
CA GLN A 529 -0.96 -2.24 -8.54
C GLN A 529 -0.88 -2.60 -10.02
N LEU A 530 0.29 -3.11 -10.44
CA LEU A 530 0.44 -3.63 -11.80
C LEU A 530 -0.51 -4.80 -12.02
N ALA A 531 -0.62 -5.68 -11.02
CA ALA A 531 -1.60 -6.75 -11.06
C ALA A 531 -3.00 -6.15 -10.88
N ARG A 532 -4.02 -7.00 -10.87
CA ARG A 532 -5.38 -6.50 -10.76
C ARG A 532 -6.26 -7.58 -10.16
N ALA A 533 -7.51 -7.21 -9.89
CA ALA A 533 -8.48 -8.03 -9.21
C ALA A 533 -9.50 -8.59 -10.20
N PRO A 534 -10.29 -9.60 -9.79
CA PRO A 534 -11.36 -10.08 -10.66
C PRO A 534 -12.34 -8.98 -11.06
N VAL A 535 -12.60 -8.05 -10.15
CA VAL A 535 -13.49 -6.93 -10.48
C VAL A 535 -12.88 -6.07 -11.59
N GLN A 536 -11.56 -5.89 -11.57
CA GLN A 536 -10.90 -5.24 -12.69
C GLN A 536 -11.03 -6.08 -13.95
N LYS A 537 -10.88 -7.40 -13.81
CA LYS A 537 -11.11 -8.29 -14.95
C LYS A 537 -12.57 -8.25 -15.39
N LEU A 538 -13.48 -8.03 -14.45
CA LEU A 538 -14.89 -7.92 -14.80
C LEU A 538 -15.12 -6.70 -15.69
N ALA A 539 -14.43 -5.59 -15.40
CA ALA A 539 -14.61 -4.37 -16.17
C ALA A 539 -14.25 -4.57 -17.64
N ASP A 540 -13.15 -5.26 -17.90
CA ASP A 540 -12.71 -5.47 -19.27
C ASP A 540 -13.71 -6.31 -20.05
N ARG A 541 -14.22 -7.38 -19.43
CA ARG A 541 -15.12 -8.28 -20.14
C ARG A 541 -16.40 -7.58 -20.58
N ILE A 542 -16.98 -6.77 -19.68
CA ILE A 542 -18.17 -6.02 -20.05
C ILE A 542 -17.85 -5.03 -21.16
N SER A 543 -16.74 -4.31 -21.02
CA SER A 543 -16.32 -3.38 -22.05
C SER A 543 -16.03 -4.10 -23.36
N ARG A 544 -15.63 -5.37 -23.28
CA ARG A 544 -15.34 -6.15 -24.48
C ARG A 544 -16.57 -6.35 -25.36
N PHE A 545 -17.74 -6.57 -24.77
CA PHE A 545 -18.95 -6.81 -25.53
C PHE A 545 -19.95 -5.68 -25.32
N PHE A 546 -19.44 -4.47 -25.16
CA PHE A 546 -20.31 -3.30 -25.05
C PHE A 546 -20.04 -2.31 -26.17
N VAL A 547 -18.77 -1.98 -26.39
CA VAL A 547 -18.35 -1.03 -27.41
C VAL A 547 -18.85 -1.48 -28.78
N PRO A 548 -18.74 -2.77 -29.17
CA PRO A 548 -19.33 -3.20 -30.44
C PRO A 548 -20.81 -2.90 -30.53
N THR A 549 -21.53 -3.08 -29.42
CA THR A 549 -22.97 -2.88 -29.42
C THR A 549 -23.33 -1.43 -29.71
N VAL A 550 -22.64 -0.48 -29.07
CA VAL A 550 -22.95 0.94 -29.20
C VAL A 550 -22.81 1.37 -30.64
N VAL A 551 -21.70 0.97 -31.28
CA VAL A 551 -21.48 1.35 -32.67
C VAL A 551 -22.56 0.76 -33.57
N VAL A 552 -22.93 -0.51 -33.33
CA VAL A 552 -23.96 -1.15 -34.14
C VAL A 552 -25.29 -0.43 -33.99
N ALA A 553 -25.68 -0.15 -32.74
CA ALA A 553 -26.95 0.55 -32.51
C ALA A 553 -26.95 1.94 -33.12
N ALA A 554 -25.82 2.64 -33.02
CA ALA A 554 -25.71 3.95 -33.67
C ALA A 554 -25.86 3.82 -35.18
N PHE A 555 -25.27 2.76 -35.75
CA PHE A 555 -25.43 2.50 -37.17
C PHE A 555 -26.89 2.22 -37.52
N LEU A 556 -27.55 1.39 -36.71
CA LEU A 556 -28.91 0.98 -37.00
C LEU A 556 -29.86 2.19 -37.01
N THR A 557 -29.73 3.06 -36.02
CA THR A 557 -30.65 4.19 -35.92
C THR A 557 -30.46 5.15 -37.09
N TRP A 558 -29.30 5.12 -37.73
CA TRP A 558 -29.09 5.91 -38.94
C TRP A 558 -30.00 5.43 -40.05
N LEU A 559 -29.96 4.13 -40.34
CA LEU A 559 -30.72 3.58 -41.46
C LEU A 559 -32.21 3.74 -41.25
N GLY A 560 -32.65 3.66 -39.99
CA GLY A 560 -34.05 3.81 -39.68
C GLY A 560 -34.63 5.13 -40.14
N TRP A 561 -34.04 6.22 -39.71
CA TRP A 561 -34.54 7.55 -40.08
C TRP A 561 -34.32 7.82 -41.56
N PHE A 562 -33.19 7.37 -42.09
CA PHE A 562 -32.86 7.59 -43.50
C PHE A 562 -33.88 6.98 -44.44
N VAL A 563 -34.04 5.65 -44.39
CA VAL A 563 -34.92 4.96 -45.33
C VAL A 563 -36.35 5.46 -45.19
N ALA A 564 -36.82 5.60 -43.95
CA ALA A 564 -38.13 6.18 -43.73
C ALA A 564 -38.21 7.59 -44.27
N GLY A 565 -37.11 8.34 -44.16
CA GLY A 565 -37.07 9.67 -44.74
C GLY A 565 -37.13 9.66 -46.25
N GLN A 566 -36.38 8.74 -46.88
CA GLN A 566 -36.30 8.70 -48.33
C GLN A 566 -37.66 8.38 -48.94
N PHE A 567 -38.39 7.43 -48.36
CA PHE A 567 -39.72 7.06 -48.83
C PHE A 567 -40.81 7.94 -48.24
N ASP A 568 -40.46 8.88 -47.37
CA ASP A 568 -41.39 9.84 -46.80
C ASP A 568 -42.58 9.13 -46.17
N ILE A 569 -42.32 8.37 -45.12
CA ILE A 569 -43.36 7.59 -44.45
C ILE A 569 -43.80 8.26 -43.15
N TYR A 570 -43.40 9.50 -42.93
CA TYR A 570 -43.74 10.21 -41.70
C TYR A 570 -43.84 11.70 -41.99
N PRO A 571 -44.61 12.44 -41.19
CA PRO A 571 -44.76 13.89 -41.37
C PRO A 571 -43.48 14.64 -41.67
N ARG A 572 -43.55 15.57 -42.63
CA ARG A 572 -42.40 16.41 -42.95
C ARG A 572 -42.23 17.53 -41.92
N GLU A 573 -43.33 17.98 -41.31
CA GLU A 573 -43.28 19.14 -40.43
C GLU A 573 -42.41 18.88 -39.21
N TRP A 574 -42.20 17.60 -38.87
CA TRP A 574 -41.28 17.28 -37.78
C TRP A 574 -39.87 17.77 -38.08
N ILE A 575 -39.50 17.79 -39.36
CA ILE A 575 -38.18 18.26 -39.77
C ILE A 575 -38.08 19.74 -39.41
N PRO A 576 -37.09 20.14 -38.63
CA PRO A 576 -36.90 21.57 -38.35
C PRO A 576 -36.41 22.30 -39.59
N LYS A 577 -36.60 23.61 -39.59
CA LYS A 577 -36.21 24.42 -40.73
C LYS A 577 -34.68 24.45 -40.88
N ALA A 578 -34.23 24.59 -42.12
CA ALA A 578 -32.84 24.69 -42.53
C ALA A 578 -32.10 23.35 -42.50
N MET A 579 -32.84 22.24 -42.60
CA MET A 579 -32.22 20.96 -42.95
C MET A 579 -33.27 19.99 -43.45
N ASP A 580 -32.82 18.90 -44.08
CA ASP A 580 -33.73 17.90 -44.63
C ASP A 580 -33.65 16.62 -43.79
N SER A 581 -34.37 15.59 -44.24
CA SER A 581 -34.43 14.32 -43.50
C SER A 581 -33.06 13.67 -43.41
N PHE A 582 -32.26 13.81 -44.47
CA PHE A 582 -30.92 13.23 -44.50
C PHE A 582 -30.05 13.80 -43.37
N GLU A 583 -30.16 15.10 -43.15
CA GLU A 583 -29.47 15.75 -42.05
C GLU A 583 -29.92 15.20 -40.71
N LEU A 584 -31.23 14.99 -40.55
CA LEU A 584 -31.73 14.41 -39.30
C LEU A 584 -31.18 13.00 -39.09
N ALA A 585 -31.13 12.21 -40.16
CA ALA A 585 -30.62 10.85 -40.05
C ALA A 585 -29.19 10.85 -39.53
N LEU A 586 -28.32 11.62 -40.18
CA LEU A 586 -26.92 11.63 -39.72
C LEU A 586 -26.79 12.30 -38.36
N GLN A 587 -27.64 13.27 -38.06
CA GLN A 587 -27.58 13.95 -36.78
C GLN A 587 -27.89 13.00 -35.63
N PHE A 588 -28.91 12.16 -35.80
CA PHE A 588 -29.19 11.12 -34.83
C PHE A 588 -28.06 10.10 -34.78
N GLY A 589 -27.50 9.76 -35.94
CA GLY A 589 -26.38 8.83 -35.95
C GLY A 589 -25.24 9.30 -35.07
N ILE A 590 -24.94 10.60 -35.13
CA ILE A 590 -23.85 11.15 -34.32
C ILE A 590 -24.23 11.13 -32.84
N SER A 591 -25.50 11.42 -32.54
CA SER A 591 -25.93 11.64 -31.16
C SER A 591 -25.73 10.39 -30.31
N VAL A 592 -26.11 9.23 -30.84
CA VAL A 592 -25.91 7.99 -30.10
C VAL A 592 -24.43 7.75 -29.86
N LEU A 593 -23.61 7.96 -30.89
CA LEU A 593 -22.17 7.72 -30.81
C LEU A 593 -21.52 8.64 -29.79
N VAL A 594 -22.16 9.74 -29.46
CA VAL A 594 -21.60 10.60 -28.42
C VAL A 594 -22.59 10.82 -27.29
N VAL A 595 -22.86 9.77 -26.51
CA VAL A 595 -23.74 9.88 -25.33
C VAL A 595 -23.52 8.63 -24.54
N ALA A 596 -22.61 7.78 -25.02
CA ALA A 596 -22.39 6.49 -24.38
C ALA A 596 -21.69 6.51 -23.03
N CYS A 597 -21.14 5.36 -22.63
CA CYS A 597 -20.51 5.24 -21.31
C CYS A 597 -19.74 6.45 -20.97
N PRO A 598 -20.02 7.01 -19.80
CA PRO A 598 -19.16 8.12 -19.40
C PRO A 598 -17.77 7.62 -19.06
N CYS A 599 -17.37 6.51 -19.64
CA CYS A 599 -16.07 5.95 -19.39
C CYS A 599 -15.90 5.78 -17.91
N ALA A 600 -16.87 5.13 -17.29
CA ALA A 600 -16.72 4.83 -15.90
C ALA A 600 -15.92 3.55 -15.91
N LEU A 601 -16.32 2.64 -16.78
CA LEU A 601 -15.60 1.36 -16.88
C LEU A 601 -14.20 1.58 -17.44
N GLY A 602 -13.30 2.06 -16.60
CA GLY A 602 -11.94 2.32 -17.04
C GLY A 602 -11.32 3.54 -16.39
N LEU A 603 -12.16 4.42 -15.84
CA LEU A 603 -11.67 5.57 -15.10
C LEU A 603 -12.31 5.72 -13.73
N ALA A 604 -13.09 4.74 -13.28
CA ALA A 604 -13.66 4.75 -11.93
C ALA A 604 -13.14 3.59 -11.10
N THR A 605 -13.20 2.37 -11.62
CA THR A 605 -12.66 1.22 -10.92
C THR A 605 -11.14 1.32 -10.74
N PRO A 606 -10.36 1.54 -11.79
CA PRO A 606 -8.90 1.54 -11.64
C PRO A 606 -8.37 2.72 -10.82
N THR A 607 -9.20 3.70 -10.50
CA THR A 607 -8.80 4.76 -9.58
C THR A 607 -9.35 4.56 -8.18
N ALA A 608 -10.55 4.00 -8.03
CA ALA A 608 -11.05 3.69 -6.70
C ALA A 608 -10.17 2.65 -6.02
N VAL A 609 -9.82 1.60 -6.76
CA VAL A 609 -8.97 0.54 -6.23
C VAL A 609 -7.66 1.13 -5.75
N MET A 610 -7.14 2.08 -6.53
CA MET A 610 -5.85 2.68 -6.22
C MET A 610 -5.91 3.59 -4.99
N VAL A 611 -6.91 4.48 -4.95
CA VAL A 611 -7.04 5.43 -3.85
C VAL A 611 -7.27 4.67 -2.54
N ALA A 612 -7.99 3.55 -2.61
CA ALA A 612 -8.22 2.76 -1.40
C ALA A 612 -6.88 2.35 -0.77
N THR A 613 -5.95 1.87 -1.60
CA THR A 613 -4.65 1.42 -1.10
C THR A 613 -3.89 2.55 -0.44
N GLY A 614 -3.86 3.71 -1.09
CA GLY A 614 -3.16 4.85 -0.51
C GLY A 614 -3.75 5.30 0.82
N LYS A 615 -5.07 5.42 0.87
CA LYS A 615 -5.71 5.86 2.11
C LYS A 615 -5.47 4.85 3.22
N GLY A 616 -5.48 3.56 2.89
CA GLY A 616 -5.09 2.57 3.89
C GLY A 616 -3.65 2.75 4.34
N ALA A 617 -2.75 2.99 3.39
CA ALA A 617 -1.34 3.16 3.71
C ALA A 617 -1.13 4.35 4.63
N SER A 618 -2.02 5.34 4.56
CA SER A 618 -1.94 6.47 5.48
C SER A 618 -2.06 6.01 6.93
N GLN A 619 -2.74 4.90 7.17
CA GLN A 619 -2.91 4.33 8.50
C GLN A 619 -1.87 3.27 8.83
N GLY A 620 -0.88 3.08 7.96
CA GLY A 620 0.11 2.05 8.16
C GLY A 620 -0.28 0.74 7.51
N VAL A 621 -1.56 0.38 7.65
CA VAL A 621 -2.10 -0.83 7.03
C VAL A 621 -1.93 -0.73 5.52
N LEU A 622 -1.46 -1.80 4.89
CA LEU A 622 -1.29 -1.80 3.44
C LEU A 622 -2.03 -2.98 2.84
N ILE A 623 -2.73 -2.72 1.74
CA ILE A 623 -3.41 -3.76 0.98
C ILE A 623 -2.41 -4.34 0.00
N LYS A 624 -2.70 -5.51 -0.55
CA LYS A 624 -1.78 -6.16 -1.47
C LYS A 624 -2.46 -6.30 -2.83
N GLY A 625 -3.07 -5.22 -3.30
CA GLY A 625 -3.78 -5.24 -4.55
C GLY A 625 -5.26 -5.49 -4.40
N GLY A 626 -5.97 -5.39 -5.53
CA GLY A 626 -7.41 -5.47 -5.50
C GLY A 626 -7.93 -6.83 -5.07
N ASN A 627 -7.22 -7.89 -5.45
CA ASN A 627 -7.64 -9.24 -5.07
C ASN A 627 -7.79 -9.35 -3.56
N ALA A 628 -6.84 -8.76 -2.84
CA ALA A 628 -6.92 -8.71 -1.39
C ALA A 628 -8.18 -7.98 -0.94
N LEU A 629 -8.49 -6.86 -1.61
CA LEU A 629 -9.69 -6.11 -1.28
C LEU A 629 -10.95 -6.95 -1.42
N GLU A 630 -11.09 -7.64 -2.56
CA GLU A 630 -12.26 -8.47 -2.79
C GLU A 630 -12.38 -9.57 -1.74
N LYS A 631 -11.30 -10.34 -1.56
CA LYS A 631 -11.35 -11.46 -0.64
C LYS A 631 -11.61 -11.01 0.79
N ALA A 632 -10.97 -9.91 1.20
CA ALA A 632 -11.19 -9.38 2.54
C ALA A 632 -12.63 -8.86 2.69
N HIS A 633 -13.19 -8.32 1.61
CA HIS A 633 -14.58 -7.89 1.65
C HIS A 633 -15.50 -9.07 1.86
N LYS A 634 -15.17 -10.21 1.26
CA LYS A 634 -15.93 -11.45 1.49
C LYS A 634 -15.35 -12.17 2.70
N VAL A 635 -15.83 -11.82 3.90
CA VAL A 635 -15.38 -12.52 5.11
C VAL A 635 -16.51 -12.49 6.15
N LYS A 636 -16.61 -13.55 6.94
CA LYS A 636 -17.56 -13.60 8.04
C LYS A 636 -16.99 -14.32 9.25
N ALA A 637 -15.71 -14.72 9.17
CA ALA A 637 -15.10 -15.49 10.24
C ALA A 637 -13.63 -15.11 10.37
N ILE A 638 -13.14 -15.10 11.62
CA ILE A 638 -11.77 -14.74 11.93
C ILE A 638 -11.19 -15.78 12.88
N ILE A 639 -9.95 -16.19 12.60
CA ILE A 639 -9.23 -17.15 13.42
C ILE A 639 -8.18 -16.39 14.23
N PHE A 640 -8.45 -16.22 15.52
CA PHE A 640 -7.46 -15.58 16.39
C PHE A 640 -6.55 -16.63 17.03
N ASP A 641 -5.62 -16.15 17.86
CA ASP A 641 -4.77 -17.02 18.67
C ASP A 641 -4.21 -16.19 19.81
N LYS A 642 -3.97 -16.82 20.96
CA LYS A 642 -3.50 -16.06 22.11
C LYS A 642 -2.11 -15.46 21.85
N THR A 643 -1.19 -16.27 21.34
CA THR A 643 0.23 -15.93 21.38
C THR A 643 0.54 -14.74 20.49
N GLY A 644 1.19 -13.73 21.08
CA GLY A 644 1.66 -12.57 20.34
C GLY A 644 0.54 -11.77 19.69
N THR A 645 -0.70 -12.03 20.10
CA THR A 645 -1.84 -11.33 19.53
C THR A 645 -2.73 -10.81 20.65
N LEU A 646 -2.69 -11.49 21.80
CA LEU A 646 -3.48 -11.05 22.95
C LEU A 646 -2.72 -11.23 24.26
N THR A 647 -1.39 -11.19 24.22
CA THR A 647 -0.57 -11.45 25.41
C THR A 647 0.23 -10.21 25.79
N VAL A 648 0.48 -10.07 27.08
CA VAL A 648 1.40 -9.09 27.61
C VAL A 648 2.47 -9.81 28.43
N GLY A 649 2.05 -10.49 29.50
CA GLY A 649 2.94 -11.31 30.29
C GLY A 649 3.51 -10.62 31.51
N LYS A 650 3.08 -11.03 32.71
CA LYS A 650 3.65 -10.53 33.95
C LYS A 650 3.73 -11.65 34.98
N PRO A 651 4.90 -12.28 35.13
CA PRO A 651 5.01 -13.42 36.04
C PRO A 651 5.34 -13.03 37.48
N SER A 652 4.52 -13.50 38.42
CA SER A 652 4.70 -13.24 39.84
C SER A 652 3.96 -14.29 40.65
N VAL A 653 3.71 -14.03 41.94
CA VAL A 653 2.93 -14.96 42.75
C VAL A 653 1.60 -15.29 42.10
N VAL A 654 0.98 -14.32 41.40
CA VAL A 654 -0.24 -14.60 40.65
C VAL A 654 0.05 -15.42 39.40
N GLN A 655 1.33 -15.56 39.01
CA GLN A 655 1.58 -16.40 37.84
C GLN A 655 2.74 -17.38 38.00
N THR A 656 3.72 -17.18 38.89
CA THR A 656 4.88 -18.05 38.84
C THR A 656 5.58 -18.46 40.13
N LYS A 657 4.96 -18.40 41.32
CA LYS A 657 5.81 -18.85 42.42
C LYS A 657 5.02 -19.51 43.53
N VAL A 658 5.76 -19.86 44.58
CA VAL A 658 5.43 -20.80 45.64
C VAL A 658 4.25 -20.35 46.50
N PHE A 659 3.65 -21.28 47.23
CA PHE A 659 2.85 -20.95 48.40
C PHE A 659 3.51 -21.31 49.71
N SER A 660 4.43 -22.27 49.70
CA SER A 660 5.18 -22.67 50.90
C SER A 660 6.44 -21.83 51.08
N LYS A 661 7.31 -22.25 51.99
CA LYS A 661 8.57 -21.55 52.29
C LYS A 661 9.58 -21.83 51.19
N ILE A 662 10.46 -20.85 50.96
CA ILE A 662 11.53 -20.98 49.97
C ILE A 662 12.84 -20.39 50.48
N PRO A 663 13.77 -21.24 50.92
CA PRO A 663 15.15 -20.78 51.14
C PRO A 663 15.71 -20.12 49.88
N LEU A 664 16.68 -19.23 50.10
CA LEU A 664 17.32 -18.46 49.03
C LEU A 664 16.29 -17.69 48.22
N LEU A 665 15.48 -16.91 48.93
CA LEU A 665 14.46 -16.08 48.31
C LEU A 665 14.97 -14.65 48.20
N GLU A 666 14.56 -13.95 47.15
CA GLU A 666 13.59 -14.37 46.14
C GLU A 666 14.23 -14.90 44.85
N LEU A 667 15.42 -15.49 45.00
CA LEU A 667 15.96 -16.48 44.08
C LEU A 667 16.10 -16.08 42.61
N CYS A 668 16.93 -15.09 42.29
CA CYS A 668 17.36 -14.98 40.90
C CYS A 668 18.86 -15.03 40.67
N ASP A 669 19.61 -14.13 41.30
CA ASP A 669 20.95 -13.81 40.81
C ASP A 669 21.91 -14.99 40.98
N LEU A 670 22.14 -15.41 42.23
CA LEU A 670 22.90 -16.64 42.44
C LEU A 670 22.15 -17.64 43.29
N ALA A 671 20.81 -17.68 43.24
CA ALA A 671 20.06 -18.58 44.09
C ALA A 671 19.33 -19.65 43.28
N ALA A 672 18.54 -19.23 42.30
CA ALA A 672 17.72 -20.16 41.53
C ALA A 672 18.40 -20.47 40.20
N GLY A 673 19.24 -21.49 40.21
CA GLY A 673 19.74 -22.04 38.96
C GLY A 673 18.97 -23.31 38.64
N ALA A 674 18.02 -23.65 39.52
CA ALA A 674 17.26 -24.87 39.39
C ALA A 674 16.32 -24.88 38.20
N GLU A 675 16.07 -23.71 37.59
CA GLU A 675 15.21 -23.64 36.42
C GLU A 675 15.92 -23.07 35.20
N ALA A 676 17.21 -22.75 35.31
CA ALA A 676 17.98 -22.28 34.17
C ALA A 676 18.67 -23.42 33.42
N ASN A 677 17.92 -24.46 33.04
CA ASN A 677 18.51 -25.62 32.40
C ASN A 677 18.29 -25.63 30.89
N SER A 678 17.01 -25.64 30.48
CA SER A 678 16.66 -25.72 29.06
C SER A 678 15.78 -24.53 28.70
N GLU A 679 16.40 -23.47 28.21
CA GLU A 679 15.68 -22.23 27.97
C GLU A 679 14.86 -22.28 26.69
N HIS A 680 13.61 -21.85 26.80
CA HIS A 680 12.73 -21.62 25.66
C HIS A 680 11.83 -20.44 26.01
N PRO A 681 10.97 -19.98 25.04
CA PRO A 681 10.08 -18.84 25.32
C PRO A 681 9.42 -18.82 26.68
N LEU A 682 9.20 -19.98 27.30
CA LEU A 682 8.64 -20.03 28.64
C LEU A 682 9.67 -20.25 29.74
N SER A 683 10.73 -21.02 29.49
CA SER A 683 11.78 -21.16 30.49
C SER A 683 12.46 -19.84 30.77
N LYS A 684 12.66 -19.01 29.74
CA LYS A 684 13.20 -17.69 30.01
C LYS A 684 12.25 -16.87 30.87
N ALA A 685 10.94 -16.99 30.68
CA ALA A 685 10.01 -16.32 31.59
C ALA A 685 10.13 -16.84 33.01
N ILE A 686 10.33 -18.16 33.17
CA ILE A 686 10.64 -18.74 34.47
C ILE A 686 11.94 -18.20 35.05
N VAL A 687 12.87 -17.75 34.21
CA VAL A 687 14.10 -17.15 34.70
C VAL A 687 13.85 -15.69 35.07
N GLU A 688 12.92 -15.04 34.35
CA GLU A 688 12.74 -13.60 34.51
C GLU A 688 11.78 -13.20 35.62
N TYR A 689 10.83 -14.06 36.02
CA TYR A 689 10.01 -13.63 37.15
C TYR A 689 10.88 -13.56 38.40
N THR A 690 11.91 -14.40 38.44
CA THR A 690 12.90 -14.32 39.52
C THR A 690 13.64 -12.99 39.46
N LYS A 691 13.97 -12.53 38.24
CA LYS A 691 14.58 -11.21 38.10
C LYS A 691 13.67 -10.13 38.64
N LYS A 692 12.38 -10.23 38.30
CA LYS A 692 11.38 -9.28 38.77
C LYS A 692 11.29 -9.26 40.29
N LEU A 693 11.14 -10.44 40.89
CA LEU A 693 11.01 -10.59 42.33
C LEU A 693 12.34 -11.06 42.91
N ARG A 694 13.11 -10.13 43.47
CA ARG A 694 14.42 -10.46 44.03
C ARG A 694 14.48 -10.04 45.50
N GLU A 695 13.32 -9.87 46.13
CA GLU A 695 13.16 -9.33 47.48
C GLU A 695 13.73 -7.91 47.45
N GLN A 696 14.50 -7.48 48.45
CA GLN A 696 15.04 -6.13 48.49
C GLN A 696 16.57 -6.09 48.41
N TYR A 697 17.26 -7.09 48.93
CA TYR A 697 18.70 -7.17 48.80
C TYR A 697 19.10 -7.32 47.33
N GLY A 698 20.39 -7.12 47.06
CA GLY A 698 20.89 -7.21 45.70
C GLY A 698 21.16 -8.62 45.23
N SER A 699 21.98 -9.36 45.99
CA SER A 699 22.34 -10.72 45.60
C SER A 699 22.79 -11.46 46.87
N HIS A 700 22.03 -12.50 47.24
CA HIS A 700 22.41 -13.28 48.41
C HIS A 700 23.53 -14.26 48.06
N SER A 701 23.68 -14.56 46.77
CA SER A 701 24.89 -15.13 46.20
C SER A 701 25.32 -16.46 46.81
N ASP A 702 24.57 -17.54 46.60
CA ASP A 702 24.96 -18.78 47.26
C ASP A 702 25.72 -19.76 46.38
N HIS A 703 25.07 -20.38 45.38
CA HIS A 703 25.82 -21.40 44.64
C HIS A 703 25.54 -21.58 43.15
N ILE A 704 24.31 -21.30 42.70
CA ILE A 704 23.84 -21.61 41.33
C ILE A 704 24.52 -22.82 40.69
N MET A 705 24.00 -24.02 40.96
CA MET A 705 24.51 -25.24 40.31
C MET A 705 23.73 -25.60 39.04
N GLU A 706 23.81 -24.80 37.98
CA GLU A 706 23.07 -25.11 36.77
C GLU A 706 23.56 -26.41 36.15
N SER A 707 22.61 -27.21 35.66
CA SER A 707 22.77 -28.45 34.91
C SER A 707 23.27 -29.61 35.76
N LYS A 708 23.36 -29.47 37.08
CA LYS A 708 23.71 -30.61 37.93
C LYS A 708 22.46 -31.45 38.16
N ASP A 709 22.44 -32.65 37.59
CA ASP A 709 21.21 -33.44 37.40
C ASP A 709 20.31 -32.77 36.35
N PHE A 710 20.91 -32.41 35.23
CA PHE A 710 20.20 -31.76 34.13
C PHE A 710 19.20 -32.72 33.50
N GLU A 711 17.91 -32.38 33.58
CA GLU A 711 16.83 -33.23 33.07
C GLU A 711 15.85 -32.36 32.31
N VAL A 712 15.47 -32.81 31.10
CA VAL A 712 14.53 -32.08 30.25
C VAL A 712 13.33 -32.96 29.95
N HIS A 713 12.14 -32.40 30.10
CA HIS A 713 10.90 -33.09 29.75
C HIS A 713 9.90 -32.10 29.16
N PRO A 714 9.18 -32.48 28.11
CA PRO A 714 8.25 -31.55 27.47
C PRO A 714 7.21 -31.00 28.45
N GLY A 715 6.88 -29.73 28.29
CA GLY A 715 5.95 -29.05 29.17
C GLY A 715 6.66 -28.23 30.21
N ALA A 716 7.69 -28.82 30.82
CA ALA A 716 8.62 -28.08 31.67
C ALA A 716 9.95 -28.84 31.72
N GLY A 717 10.93 -28.39 30.95
CA GLY A 717 12.16 -29.12 30.79
C GLY A 717 13.33 -28.64 31.62
N VAL A 718 13.09 -27.88 32.68
CA VAL A 718 14.14 -27.33 33.52
C VAL A 718 14.02 -27.88 34.94
N SER A 719 15.09 -28.53 35.40
CA SER A 719 15.30 -28.85 36.80
C SER A 719 16.72 -29.38 36.98
N ALA A 720 17.53 -28.81 37.89
CA ALA A 720 18.76 -29.55 38.15
C ALA A 720 18.98 -29.99 39.58
N ASN A 721 19.41 -29.09 40.48
CA ASN A 721 19.63 -29.50 41.86
C ASN A 721 19.63 -28.33 42.84
N VAL A 722 19.39 -27.10 42.37
CA VAL A 722 20.11 -25.99 43.00
C VAL A 722 19.50 -25.51 44.31
N GLU A 723 18.42 -24.74 44.25
CA GLU A 723 17.76 -24.24 45.45
C GLU A 723 16.55 -23.39 45.08
N GLY A 724 15.96 -22.70 46.06
CA GLY A 724 14.70 -22.01 45.91
C GLY A 724 13.67 -22.82 46.66
N LYS A 725 14.08 -23.28 47.85
CA LYS A 725 13.53 -24.49 48.45
C LYS A 725 13.56 -25.62 47.44
N LEU A 726 14.64 -25.68 46.66
CA LEU A 726 14.79 -26.64 45.56
C LEU A 726 13.66 -26.47 44.55
N VAL A 727 13.73 -25.34 43.83
CA VAL A 727 12.64 -24.84 43.02
C VAL A 727 12.62 -25.46 41.63
N LEU A 728 13.19 -26.68 41.52
CA LEU A 728 13.55 -27.35 40.27
C LEU A 728 12.62 -27.11 39.08
N VAL A 729 11.31 -27.23 39.29
CA VAL A 729 10.27 -27.15 38.25
C VAL A 729 10.26 -28.47 37.49
N GLY A 730 9.13 -28.82 36.89
CA GLY A 730 9.07 -30.03 36.10
C GLY A 730 7.68 -30.21 35.52
N ASN A 731 7.51 -31.35 34.84
CA ASN A 731 6.23 -31.65 34.17
C ASN A 731 5.72 -33.01 34.61
N LYS A 732 4.71 -33.53 33.90
CA LYS A 732 4.02 -34.77 34.25
C LYS A 732 4.95 -35.97 34.38
N ARG A 733 6.21 -35.86 33.94
CA ARG A 733 7.14 -36.96 34.08
C ARG A 733 8.23 -36.68 35.12
N LEU A 734 8.46 -35.41 35.48
CA LEU A 734 9.44 -35.07 36.50
C LEU A 734 8.87 -35.05 37.91
N MET A 735 7.56 -34.87 38.08
CA MET A 735 6.94 -34.80 39.39
C MET A 735 7.09 -36.12 40.16
N GLN A 736 6.44 -37.17 39.67
CA GLN A 736 6.52 -38.45 40.34
C GLN A 736 7.91 -39.06 40.22
N GLU A 737 8.73 -38.50 39.32
CA GLU A 737 10.12 -38.92 39.19
C GLU A 737 10.90 -38.55 40.45
N PHE A 738 10.97 -37.26 40.78
CA PHE A 738 11.74 -36.85 41.94
C PHE A 738 11.15 -37.44 43.23
N GLU A 739 10.04 -36.87 43.70
CA GLU A 739 9.19 -37.55 44.67
C GLU A 739 7.72 -37.20 44.46
N VAL A 740 7.47 -36.05 43.85
CA VAL A 740 6.21 -35.29 43.91
C VAL A 740 4.99 -36.18 43.67
N PRO A 741 4.18 -36.44 44.70
CA PRO A 741 3.02 -37.32 44.54
C PRO A 741 1.83 -36.68 43.84
N ILE A 742 1.94 -35.42 43.40
CA ILE A 742 0.81 -34.57 42.98
C ILE A 742 -0.42 -34.83 43.84
N SER A 743 -0.28 -34.56 45.14
CA SER A 743 -1.33 -34.83 46.12
C SER A 743 -2.45 -33.80 45.95
N SER A 744 -3.55 -33.97 46.69
CA SER A 744 -4.80 -33.27 46.37
C SER A 744 -4.63 -31.75 46.39
N GLU A 745 -3.67 -31.24 47.17
CA GLU A 745 -3.54 -29.79 47.31
C GLU A 745 -3.12 -29.16 45.98
N VAL A 746 -2.34 -29.88 45.17
CA VAL A 746 -1.95 -29.34 43.87
C VAL A 746 -3.13 -29.29 42.91
N GLU A 747 -4.04 -30.27 42.95
CA GLU A 747 -5.25 -30.16 42.13
C GLU A 747 -6.16 -29.05 42.63
N GLY A 748 -6.20 -28.82 43.94
CA GLY A 748 -6.96 -27.69 44.45
C GLY A 748 -6.39 -26.37 43.97
N HIS A 749 -5.07 -26.20 44.07
CA HIS A 749 -4.40 -24.98 43.62
C HIS A 749 -4.32 -24.94 42.11
N MET A 750 -4.69 -26.04 41.46
CA MET A 750 -4.84 -26.10 40.02
C MET A 750 -6.18 -25.58 39.55
N SER A 751 -7.26 -26.08 40.13
CA SER A 751 -8.60 -25.58 39.84
C SER A 751 -8.69 -24.10 40.19
N GLU A 752 -8.19 -23.74 41.37
CA GLU A 752 -8.23 -22.35 41.81
C GLU A 752 -7.50 -21.43 40.85
N THR A 753 -6.27 -21.80 40.47
CA THR A 753 -5.49 -20.99 39.54
C THR A 753 -6.12 -20.92 38.15
N GLU A 754 -6.63 -22.05 37.66
CA GLU A 754 -7.21 -22.07 36.32
C GLU A 754 -8.47 -21.23 36.25
N GLU A 755 -9.27 -21.23 37.32
CA GLU A 755 -10.45 -20.37 37.36
C GLU A 755 -10.06 -18.90 37.27
N LEU A 756 -9.01 -18.51 37.98
CA LEU A 756 -8.55 -17.13 37.97
C LEU A 756 -7.55 -16.90 36.85
N ALA A 757 -7.49 -17.82 35.89
CA ALA A 757 -6.64 -17.73 34.71
C ALA A 757 -5.16 -17.73 35.06
N ARG A 758 -4.85 -17.93 36.34
CA ARG A 758 -3.47 -17.97 36.79
C ARG A 758 -2.93 -19.39 36.80
N THR A 759 -3.11 -20.11 35.69
CA THR A 759 -2.95 -21.56 35.63
C THR A 759 -1.59 -22.00 36.17
N CYS A 760 -1.60 -23.08 36.93
CA CYS A 760 -0.38 -23.56 37.57
C CYS A 760 0.48 -24.35 36.59
N VAL A 761 1.78 -24.40 36.88
CA VAL A 761 2.71 -25.32 36.22
C VAL A 761 3.39 -26.14 37.30
N LEU A 762 3.46 -27.45 37.08
CA LEU A 762 3.87 -28.39 38.12
C LEU A 762 5.30 -28.12 38.56
N VAL A 763 5.56 -28.26 39.86
CA VAL A 763 6.84 -27.89 40.43
C VAL A 763 7.27 -28.97 41.43
N ALA A 764 8.58 -29.07 41.63
CA ALA A 764 9.19 -30.08 42.49
C ALA A 764 9.94 -29.45 43.66
N ILE A 765 9.29 -28.49 44.34
CA ILE A 765 9.87 -27.80 45.49
C ILE A 765 10.36 -28.80 46.53
N ASP A 766 11.65 -28.75 46.84
CA ASP A 766 12.29 -29.59 47.87
C ASP A 766 12.02 -31.08 47.60
N ARG A 767 11.98 -31.45 46.33
CA ARG A 767 11.63 -32.81 45.90
C ARG A 767 10.30 -33.24 46.53
N THR A 768 9.36 -32.31 46.62
CA THR A 768 8.11 -32.57 47.33
C THR A 768 6.99 -31.82 46.64
N ILE A 769 5.76 -32.12 47.08
CA ILE A 769 4.54 -31.51 46.58
C ILE A 769 4.36 -30.12 47.18
N CYS A 770 5.12 -29.80 48.22
CA CYS A 770 5.06 -28.47 48.77
C CYS A 770 5.39 -27.45 47.68
N GLY A 771 4.83 -26.26 47.81
CA GLY A 771 5.03 -25.25 46.79
C GLY A 771 4.23 -25.53 45.53
N ALA A 772 3.84 -24.47 44.81
CA ALA A 772 3.05 -24.62 43.60
C ALA A 772 3.26 -23.38 42.72
N LEU A 773 3.93 -23.59 41.59
CA LEU A 773 4.11 -22.52 40.62
C LEU A 773 2.78 -22.17 39.96
N SER A 774 2.81 -21.17 39.09
CA SER A 774 1.66 -20.81 38.27
C SER A 774 2.16 -20.25 36.95
N VAL A 775 1.22 -19.99 36.04
CA VAL A 775 1.52 -19.25 34.82
C VAL A 775 0.24 -18.56 34.36
N SER A 776 0.35 -17.28 34.03
CA SER A 776 -0.80 -16.48 33.64
C SER A 776 -0.42 -15.50 32.55
N ASP A 777 -1.37 -14.71 32.07
CA ASP A 777 -1.09 -13.77 31.00
C ASP A 777 -2.11 -12.65 30.96
N PRO A 778 -1.67 -11.39 31.08
CA PRO A 778 -2.57 -10.27 30.81
C PRO A 778 -2.89 -10.15 29.33
N LEU A 779 -4.00 -9.52 29.01
CA LEU A 779 -4.43 -9.37 27.63
C LEU A 779 -4.33 -7.91 27.22
N LYS A 780 -4.19 -7.69 25.92
CA LYS A 780 -4.15 -6.34 25.38
C LYS A 780 -5.50 -5.67 25.65
N PRO A 781 -5.51 -4.44 26.16
CA PRO A 781 -6.75 -3.86 26.68
C PRO A 781 -7.62 -3.21 25.63
N GLU A 782 -7.85 -3.89 24.51
CA GLU A 782 -8.85 -3.45 23.54
C GLU A 782 -9.61 -4.64 22.99
N ALA A 783 -9.29 -5.84 23.48
CA ALA A 783 -9.86 -7.09 22.98
C ALA A 783 -11.37 -7.09 23.10
N GLY A 784 -11.90 -6.64 24.24
CA GLY A 784 -13.33 -6.57 24.42
C GLY A 784 -13.98 -5.65 23.41
N ARG A 785 -13.38 -4.48 23.20
CA ARG A 785 -13.88 -3.53 22.20
C ARG A 785 -13.96 -4.19 20.84
N ALA A 786 -12.85 -4.82 20.43
CA ALA A 786 -12.72 -5.42 19.11
C ALA A 786 -13.75 -6.51 18.91
N ILE A 787 -13.87 -7.43 19.87
CA ILE A 787 -14.80 -8.55 19.75
C ILE A 787 -16.23 -8.04 19.70
N SER A 788 -16.56 -7.09 20.58
CA SER A 788 -17.91 -6.54 20.62
C SER A 788 -18.27 -5.89 19.28
N TYR A 789 -17.35 -5.08 18.75
CA TYR A 789 -17.66 -4.38 17.52
C TYR A 789 -17.70 -5.32 16.33
N LEU A 790 -16.84 -6.34 16.33
CA LEU A 790 -16.89 -7.36 15.27
C LEU A 790 -18.23 -8.08 15.30
N SER A 791 -18.72 -8.41 16.49
CA SER A 791 -20.07 -8.95 16.61
C SER A 791 -21.10 -7.96 16.11
N SER A 792 -20.82 -6.66 16.28
CA SER A 792 -21.74 -5.64 15.79
C SER A 792 -21.85 -5.67 14.26
N MET A 793 -20.73 -5.80 13.55
CA MET A 793 -20.80 -6.00 12.11
C MET A 793 -21.42 -7.35 11.77
N GLY A 794 -21.32 -8.30 12.70
CA GLY A 794 -21.98 -9.58 12.52
C GLY A 794 -21.11 -10.62 11.83
N ILE A 795 -19.89 -10.81 12.31
CA ILE A 795 -19.02 -11.87 11.82
C ILE A 795 -18.54 -12.68 13.02
N SER A 796 -18.16 -13.92 12.76
CA SER A 796 -17.82 -14.89 13.80
C SER A 796 -16.36 -14.76 14.19
N SER A 797 -16.10 -14.82 15.49
CA SER A 797 -14.75 -14.78 16.03
C SER A 797 -14.38 -16.15 16.58
N ILE A 798 -13.20 -16.64 16.21
CA ILE A 798 -12.75 -17.96 16.62
C ILE A 798 -11.28 -17.86 17.01
N MET A 799 -10.91 -18.54 18.10
CA MET A 799 -9.53 -18.54 18.55
C MET A 799 -9.14 -19.96 18.94
N VAL A 800 -7.84 -20.24 18.81
CA VAL A 800 -7.28 -21.56 19.10
C VAL A 800 -6.08 -21.39 20.02
N THR A 801 -5.79 -22.44 20.78
CA THR A 801 -4.68 -22.43 21.72
C THR A 801 -3.94 -23.75 21.65
N GLY A 802 -2.70 -23.74 22.15
CA GLY A 802 -1.93 -24.96 22.27
C GLY A 802 -2.00 -25.53 23.68
N ASP A 803 -2.57 -24.76 24.60
CA ASP A 803 -2.67 -25.17 26.00
C ASP A 803 -3.85 -26.13 26.18
N ASN A 804 -4.18 -26.44 27.42
CA ASN A 804 -5.26 -27.38 27.70
C ASN A 804 -6.61 -26.72 27.46
N TRP A 805 -7.65 -27.55 27.46
CA TRP A 805 -9.00 -27.06 27.19
C TRP A 805 -9.46 -26.05 28.23
N ALA A 806 -9.14 -26.31 29.50
CA ALA A 806 -9.65 -25.46 30.58
C ALA A 806 -9.14 -24.02 30.47
N THR A 807 -7.85 -23.86 30.14
CA THR A 807 -7.30 -22.51 29.99
C THR A 807 -7.98 -21.78 28.84
N ALA A 808 -8.18 -22.46 27.72
CA ALA A 808 -8.84 -21.85 26.58
C ALA A 808 -10.28 -21.47 26.92
N LYS A 809 -10.94 -22.32 27.70
CA LYS A 809 -12.31 -22.02 28.13
C LYS A 809 -12.35 -20.80 29.03
N SER A 810 -11.36 -20.67 29.93
CA SER A 810 -11.27 -19.50 30.78
C SER A 810 -11.05 -18.24 29.96
N ILE A 811 -10.18 -18.33 28.96
CA ILE A 811 -9.95 -17.19 28.07
C ILE A 811 -11.23 -16.84 27.31
N ALA A 812 -11.99 -17.86 26.92
CA ALA A 812 -13.26 -17.63 26.24
C ALA A 812 -14.25 -16.91 27.16
N LYS A 813 -14.31 -17.33 28.42
CA LYS A 813 -15.16 -16.66 29.39
C LYS A 813 -14.78 -15.20 29.53
N GLU A 814 -13.47 -14.93 29.60
CA GLU A 814 -12.98 -13.56 29.68
C GLU A 814 -13.40 -12.76 28.45
N VAL A 815 -13.22 -13.33 27.27
CA VAL A 815 -13.43 -12.63 26.01
C VAL A 815 -14.91 -12.64 25.64
N GLY A 816 -15.53 -13.81 25.67
CA GLY A 816 -16.89 -13.96 25.17
C GLY A 816 -16.88 -14.36 23.71
N ILE A 817 -16.12 -15.40 23.39
CA ILE A 817 -15.92 -15.86 22.02
C ILE A 817 -16.73 -17.13 21.81
N GLY A 818 -16.90 -17.50 20.54
CA GLY A 818 -17.67 -18.67 20.18
C GLY A 818 -16.88 -19.96 20.34
N THR A 819 -16.86 -20.79 19.30
CA THR A 819 -16.16 -22.07 19.37
C THR A 819 -14.69 -21.85 19.71
N VAL A 820 -14.16 -22.77 20.51
CA VAL A 820 -12.83 -22.63 21.09
C VAL A 820 -12.07 -23.94 20.90
N PHE A 821 -10.79 -23.83 20.56
CA PHE A 821 -9.95 -25.00 20.36
C PHE A 821 -8.71 -24.89 21.24
N ALA A 822 -8.19 -26.04 21.65
CA ALA A 822 -7.05 -26.07 22.54
C ALA A 822 -6.23 -27.33 22.23
N GLU A 823 -4.98 -27.32 22.71
CA GLU A 823 -3.99 -28.35 22.35
C GLU A 823 -3.86 -28.45 20.84
N ILE A 824 -3.66 -27.30 20.19
CA ILE A 824 -3.68 -27.23 18.74
C ILE A 824 -2.34 -26.72 18.23
N ASP A 825 -1.83 -27.40 17.21
CA ASP A 825 -0.63 -27.04 16.49
C ASP A 825 -1.02 -26.30 15.22
N PRO A 826 -0.07 -25.64 14.55
CA PRO A 826 -0.41 -24.98 13.27
C PRO A 826 -0.99 -25.93 12.24
N VAL A 827 -0.58 -27.20 12.27
CA VAL A 827 -1.21 -28.20 11.41
C VAL A 827 -2.70 -28.29 11.73
N GLY A 828 -3.03 -28.45 13.01
CA GLY A 828 -4.42 -28.50 13.40
C GLY A 828 -5.17 -27.26 12.99
N LYS A 829 -4.53 -26.10 13.10
CA LYS A 829 -5.10 -24.87 12.57
C LYS A 829 -5.41 -25.04 11.08
N ALA A 830 -4.55 -25.75 10.36
CA ALA A 830 -4.78 -25.97 8.94
C ALA A 830 -6.02 -26.83 8.69
N GLU A 831 -6.20 -27.93 9.43
CA GLU A 831 -7.42 -28.72 9.20
C GLU A 831 -8.66 -27.94 9.60
N LYS A 832 -8.60 -27.18 10.70
CA LYS A 832 -9.76 -26.37 11.08
C LYS A 832 -10.09 -25.32 10.01
N ILE A 833 -9.07 -24.67 9.46
CA ILE A 833 -9.29 -23.70 8.39
C ILE A 833 -9.93 -24.37 7.19
N LYS A 834 -9.42 -25.54 6.81
CA LYS A 834 -9.96 -26.26 5.67
C LYS A 834 -11.41 -26.65 5.92
N ASP A 835 -11.71 -27.11 7.14
CA ASP A 835 -13.07 -27.50 7.47
C ASP A 835 -14.02 -26.32 7.42
N LEU A 836 -13.59 -25.16 7.93
CA LEU A 836 -14.43 -23.98 7.87
C LEU A 836 -14.65 -23.55 6.43
N GLN A 837 -13.61 -23.60 5.61
CA GLN A 837 -13.74 -23.17 4.22
C GLN A 837 -14.65 -24.10 3.42
N MET A 838 -14.53 -25.42 3.65
CA MET A 838 -15.29 -26.37 2.84
C MET A 838 -16.78 -26.30 3.17
N LYS A 839 -17.12 -25.83 4.38
CA LYS A 839 -18.52 -25.56 4.68
C LYS A 839 -19.06 -24.41 3.85
N GLY A 840 -18.17 -23.64 3.22
CA GLY A 840 -18.57 -22.51 2.42
C GLY A 840 -18.41 -21.20 3.16
N LEU A 841 -17.34 -21.09 3.94
CA LEU A 841 -17.10 -19.93 4.77
C LEU A 841 -15.72 -19.38 4.46
N THR A 842 -15.67 -18.11 4.06
CA THR A 842 -14.40 -17.41 3.87
C THR A 842 -13.91 -16.94 5.23
N VAL A 843 -12.74 -17.42 5.64
CA VAL A 843 -12.27 -17.20 7.00
C VAL A 843 -10.88 -16.58 6.99
N ALA A 844 -10.69 -15.54 7.80
CA ALA A 844 -9.40 -14.90 7.96
C ALA A 844 -8.73 -15.39 9.25
N MET A 845 -7.45 -15.06 9.39
CA MET A 845 -6.73 -15.36 10.61
C MET A 845 -5.79 -14.22 10.95
N VAL A 846 -5.47 -14.09 12.24
CA VAL A 846 -4.64 -13.00 12.74
C VAL A 846 -3.38 -13.60 13.35
N GLY A 847 -2.28 -12.84 13.32
CA GLY A 847 -1.03 -13.32 13.86
C GLY A 847 0.06 -13.34 12.81
N ASP A 848 1.29 -13.14 13.28
CA ASP A 848 2.43 -13.03 12.38
C ASP A 848 3.57 -13.96 12.78
N GLY A 849 3.36 -14.78 13.80
CA GLY A 849 4.37 -15.76 14.16
C GLY A 849 4.64 -16.66 12.97
N ILE A 850 5.79 -16.47 12.33
CA ILE A 850 6.10 -17.01 10.99
C ILE A 850 5.74 -18.48 10.89
N ASN A 851 5.73 -19.19 12.01
CA ASN A 851 5.33 -20.59 12.00
C ASN A 851 3.88 -20.78 11.60
N ASP A 852 3.09 -19.70 11.57
CA ASP A 852 1.71 -19.79 11.10
C ASP A 852 1.63 -20.06 9.61
N SER A 853 2.75 -19.97 8.88
CA SER A 853 2.84 -20.01 7.43
C SER A 853 1.96 -21.10 6.80
N PRO A 854 1.97 -22.35 7.30
CA PRO A 854 1.05 -23.35 6.72
C PRO A 854 -0.41 -22.91 6.80
N ALA A 855 -0.88 -22.60 8.01
CA ALA A 855 -2.25 -22.11 8.16
C ALA A 855 -2.43 -20.75 7.51
N LEU A 856 -1.39 -19.91 7.55
CA LEU A 856 -1.49 -18.57 6.99
C LEU A 856 -1.78 -18.62 5.50
N ALA A 857 -1.09 -19.51 4.78
CA ALA A 857 -1.37 -19.71 3.35
C ALA A 857 -2.68 -20.46 3.18
N ALA A 858 -2.96 -21.39 4.10
CA ALA A 858 -4.18 -22.18 4.02
C ALA A 858 -5.43 -21.30 4.16
N ALA A 859 -5.31 -20.23 4.94
CA ALA A 859 -6.44 -19.33 5.14
C ALA A 859 -6.79 -18.61 3.85
N ASP A 860 -8.03 -18.10 3.80
CA ASP A 860 -8.52 -17.36 2.64
C ASP A 860 -7.63 -16.14 2.37
N VAL A 861 -7.32 -15.39 3.42
CA VAL A 861 -6.52 -14.18 3.29
C VAL A 861 -5.39 -14.18 4.30
N GLY A 862 -4.67 -13.07 4.39
CA GLY A 862 -3.55 -12.92 5.29
C GLY A 862 -3.90 -12.16 6.56
N LEU A 863 -3.61 -10.86 6.56
CA LEU A 863 -3.92 -9.98 7.69
C LEU A 863 -3.15 -10.45 8.92
N ALA A 864 -1.83 -10.32 8.89
CA ALA A 864 -0.97 -10.64 10.02
C ALA A 864 -0.81 -9.40 10.88
N ILE A 865 -1.11 -9.55 12.18
CA ILE A 865 -0.97 -8.46 13.15
C ILE A 865 0.51 -8.28 13.45
N GLY A 866 0.89 -7.10 13.96
CA GLY A 866 2.26 -6.86 14.36
C GLY A 866 3.27 -7.06 13.24
N ALA A 867 3.26 -6.15 12.27
CA ALA A 867 4.05 -6.30 11.04
C ALA A 867 5.51 -6.65 11.30
N GLY A 868 6.01 -7.62 10.55
CA GLY A 868 7.43 -7.91 10.52
C GLY A 868 8.06 -7.38 9.25
N THR A 869 8.23 -8.25 8.25
CA THR A 869 8.80 -7.87 6.96
C THR A 869 8.03 -8.53 5.83
N ASP A 870 8.61 -8.56 4.64
CA ASP A 870 7.98 -9.20 3.49
C ASP A 870 7.84 -10.70 3.68
N VAL A 871 8.50 -11.28 4.67
CA VAL A 871 8.31 -12.69 4.99
C VAL A 871 6.84 -12.97 5.26
N ALA A 872 6.17 -12.05 5.97
CA ALA A 872 4.73 -12.16 6.16
C ALA A 872 4.00 -12.09 4.83
N ILE A 873 4.42 -11.18 3.94
CA ILE A 873 3.78 -10.98 2.65
C ILE A 873 3.88 -12.26 1.82
N GLU A 874 4.93 -13.04 2.06
CA GLU A 874 5.17 -14.26 1.31
C GLU A 874 3.98 -15.21 1.39
N ALA A 875 3.38 -15.34 2.58
CA ALA A 875 2.28 -16.27 2.80
C ALA A 875 0.97 -15.57 3.13
N ALA A 876 0.95 -14.23 3.09
CA ALA A 876 -0.23 -13.46 3.42
C ALA A 876 -0.51 -12.43 2.34
N ASP A 877 -1.73 -11.90 2.35
CA ASP A 877 -2.06 -10.84 1.41
C ASP A 877 -2.23 -9.52 2.13
N ILE A 878 -3.16 -9.47 3.09
CA ILE A 878 -3.25 -8.29 3.93
C ILE A 878 -2.12 -8.32 4.94
N VAL A 879 -1.47 -7.18 5.15
CA VAL A 879 -0.45 -7.05 6.17
C VAL A 879 -0.75 -5.81 6.99
N LEU A 880 -0.93 -5.98 8.29
CA LEU A 880 -1.21 -4.87 9.17
C LEU A 880 0.09 -4.40 9.81
N MET A 881 0.26 -3.08 9.91
CA MET A 881 1.53 -2.49 10.30
C MET A 881 1.71 -2.43 11.81
N ARG A 882 0.76 -1.83 12.53
CA ARG A 882 0.93 -1.61 13.96
C ARG A 882 0.68 -2.90 14.74
N SER A 883 0.57 -2.77 16.06
CA SER A 883 0.26 -3.91 16.91
C SER A 883 -1.13 -3.86 17.51
N SER A 884 -1.83 -2.73 17.46
CA SER A 884 -3.17 -2.63 18.04
C SER A 884 -4.13 -3.50 17.26
N LEU A 885 -5.01 -4.20 17.98
CA LEU A 885 -6.02 -5.02 17.33
C LEU A 885 -7.03 -4.15 16.58
N GLU A 886 -7.05 -2.85 16.89
CA GLU A 886 -8.04 -1.92 16.36
C GLU A 886 -8.00 -1.84 14.84
N ASP A 887 -6.80 -1.84 14.27
CA ASP A 887 -6.65 -1.64 12.83
C ASP A 887 -7.22 -2.81 12.01
N VAL A 888 -7.39 -3.97 12.64
CA VAL A 888 -8.05 -5.09 11.97
C VAL A 888 -9.46 -4.69 11.55
N ILE A 889 -10.15 -3.96 12.43
CA ILE A 889 -11.46 -3.42 12.09
C ILE A 889 -11.36 -2.50 10.89
N THR A 890 -10.32 -1.64 10.90
CA THR A 890 -10.15 -0.64 9.86
C THR A 890 -9.99 -1.29 8.49
N ALA A 891 -9.22 -2.37 8.42
CA ALA A 891 -8.96 -3.03 7.14
C ALA A 891 -10.25 -3.51 6.48
N ILE A 892 -11.04 -4.30 7.22
CA ILE A 892 -12.27 -4.85 6.65
C ILE A 892 -13.28 -3.74 6.39
N ASP A 893 -13.33 -2.73 7.25
CA ASP A 893 -14.24 -1.62 7.03
C ASP A 893 -13.91 -0.92 5.71
N LEU A 894 -12.63 -0.64 5.47
CA LEU A 894 -12.22 0.05 4.25
C LEU A 894 -12.53 -0.81 3.03
N SER A 895 -12.28 -2.12 3.13
CA SER A 895 -12.58 -3.00 1.99
C SER A 895 -14.07 -2.99 1.67
N ARG A 896 -14.91 -3.09 2.71
CA ARG A 896 -16.36 -3.07 2.50
C ARG A 896 -16.79 -1.76 1.87
N LYS A 897 -16.24 -0.66 2.35
CA LYS A 897 -16.57 0.65 1.81
C LYS A 897 -16.20 0.74 0.34
N THR A 898 -15.03 0.24 -0.02
CA THR A 898 -14.56 0.31 -1.39
C THR A 898 -15.46 -0.49 -2.32
N LEU A 899 -15.81 -1.71 -1.92
CA LEU A 899 -16.71 -2.51 -2.76
C LEU A 899 -18.07 -1.84 -2.91
N SER A 900 -18.59 -1.27 -1.82
CA SER A 900 -19.87 -0.58 -1.91
C SER A 900 -19.79 0.59 -2.89
N ARG A 901 -18.72 1.37 -2.81
CA ARG A 901 -18.56 2.53 -3.69
C ARG A 901 -18.50 2.11 -5.15
N ILE A 902 -17.72 1.06 -5.44
CA ILE A 902 -17.58 0.60 -6.82
C ILE A 902 -18.92 0.11 -7.36
N ARG A 903 -19.65 -0.66 -6.55
CA ARG A 903 -20.94 -1.16 -7.01
C ARG A 903 -21.91 -0.01 -7.26
N LEU A 904 -21.89 1.01 -6.41
CA LEU A 904 -22.75 2.16 -6.62
C LEU A 904 -22.40 2.88 -7.91
N ASN A 905 -21.10 3.01 -8.21
CA ASN A 905 -20.71 3.62 -9.48
C ASN A 905 -21.19 2.81 -10.66
N TYR A 906 -21.15 1.49 -10.57
CA TYR A 906 -21.69 0.67 -11.65
C TYR A 906 -23.19 0.86 -11.79
N VAL A 907 -23.89 1.01 -10.67
CA VAL A 907 -25.34 1.25 -10.72
C VAL A 907 -25.62 2.55 -11.48
N TRP A 908 -24.86 3.59 -11.16
CA TRP A 908 -24.99 4.86 -11.90
C TRP A 908 -24.68 4.68 -13.38
N ALA A 909 -23.61 3.97 -13.68
CA ALA A 909 -23.20 3.81 -15.08
C ALA A 909 -24.19 2.99 -15.87
N LEU A 910 -25.02 2.19 -15.19
CA LEU A 910 -26.10 1.49 -15.89
C LEU A 910 -27.32 2.40 -16.03
N GLY A 911 -27.68 3.10 -14.96
CA GLY A 911 -28.86 3.94 -14.96
C GLY A 911 -28.79 5.07 -15.96
N TYR A 912 -27.66 5.79 -15.99
CA TYR A 912 -27.49 6.85 -16.98
C TYR A 912 -27.51 6.30 -18.40
N ASN A 913 -26.80 5.21 -18.62
CA ASN A 913 -26.57 4.68 -19.95
C ASN A 913 -27.81 4.04 -20.56
N VAL A 914 -28.68 3.44 -19.75
CA VAL A 914 -29.89 2.81 -20.26
C VAL A 914 -30.92 3.84 -20.72
N LEU A 915 -30.87 5.06 -20.20
CA LEU A 915 -31.78 6.11 -20.62
C LEU A 915 -31.18 7.01 -21.69
N GLY A 916 -29.87 7.25 -21.64
CA GLY A 916 -29.23 8.11 -22.62
C GLY A 916 -29.36 7.60 -24.04
N MET A 917 -29.15 6.30 -24.23
CA MET A 917 -29.14 5.72 -25.56
C MET A 917 -30.47 5.90 -26.30
N PRO A 918 -31.62 5.55 -25.69
CA PRO A 918 -32.89 5.68 -26.43
C PRO A 918 -33.24 7.11 -26.76
N VAL A 919 -33.21 7.99 -25.76
CA VAL A 919 -33.63 9.38 -25.92
C VAL A 919 -32.79 10.04 -27.00
N ALA A 920 -31.47 9.87 -26.93
CA ALA A 920 -30.60 10.41 -27.97
C ALA A 920 -30.92 9.80 -29.32
N ALA A 921 -31.08 8.48 -29.38
CA ALA A 921 -31.51 7.86 -30.62
C ALA A 921 -32.90 8.31 -31.03
N GLY A 922 -33.75 8.68 -30.08
CA GLY A 922 -35.02 9.29 -30.37
C GLY A 922 -36.18 8.32 -30.29
N VAL A 923 -36.85 8.30 -29.14
CA VAL A 923 -38.13 7.63 -28.98
C VAL A 923 -39.06 8.58 -28.25
N LEU A 924 -38.63 9.84 -28.13
CA LEU A 924 -39.39 10.86 -27.44
C LEU A 924 -39.76 11.96 -28.42
N PHE A 925 -38.86 12.25 -29.36
CA PHE A 925 -39.14 13.17 -30.46
C PHE A 925 -40.37 12.79 -31.28
N PRO A 926 -40.59 11.52 -31.70
CA PRO A 926 -41.77 11.22 -32.50
C PRO A 926 -43.08 11.52 -31.79
N PHE A 927 -43.05 11.56 -30.46
CA PHE A 927 -44.23 11.83 -29.67
C PHE A 927 -44.18 13.12 -28.89
N THR A 928 -43.03 13.79 -28.82
CA THR A 928 -42.94 15.10 -28.18
C THR A 928 -42.16 16.10 -29.01
N GLY A 929 -41.27 15.65 -29.90
CA GLY A 929 -40.51 16.58 -30.72
C GLY A 929 -39.30 17.16 -30.02
N ILE A 930 -38.69 16.40 -29.12
CA ILE A 930 -37.50 16.84 -28.41
C ILE A 930 -36.39 15.81 -28.60
N ARG A 931 -35.25 16.27 -29.08
CA ARG A 931 -34.05 15.45 -29.18
C ARG A 931 -32.85 16.30 -28.82
N LEU A 932 -31.73 15.64 -28.54
CA LEU A 932 -30.53 16.32 -28.11
C LEU A 932 -29.64 16.63 -29.30
N PRO A 933 -29.41 17.91 -29.62
CA PRO A 933 -28.39 18.23 -30.61
C PRO A 933 -27.03 17.80 -30.12
N PRO A 934 -26.14 17.38 -31.01
CA PRO A 934 -24.84 16.86 -30.59
C PRO A 934 -24.03 17.83 -29.74
N TRP A 935 -24.27 19.13 -29.89
CA TRP A 935 -23.56 20.09 -29.06
C TRP A 935 -23.92 19.92 -27.59
N LEU A 936 -25.19 19.63 -27.31
CA LEU A 936 -25.64 19.39 -25.94
C LEU A 936 -25.67 17.91 -25.59
N ALA A 937 -25.83 17.02 -26.58
CA ALA A 937 -25.82 15.59 -26.30
C ALA A 937 -24.47 15.16 -25.73
N GLY A 938 -23.39 15.70 -26.28
CA GLY A 938 -22.07 15.40 -25.77
C GLY A 938 -21.83 15.93 -24.37
N ALA A 939 -22.57 16.97 -23.98
CA ALA A 939 -22.40 17.55 -22.65
C ALA A 939 -22.75 16.54 -21.56
N CYS A 940 -23.84 15.81 -21.73
CA CYS A 940 -24.22 14.79 -20.75
C CYS A 940 -23.14 13.73 -20.60
N MET A 941 -22.61 13.26 -21.73
CA MET A 941 -21.45 12.37 -21.71
C MET A 941 -20.29 13.02 -20.96
N ALA A 942 -20.08 14.31 -21.19
CA ALA A 942 -19.03 15.03 -20.47
C ALA A 942 -19.37 15.20 -19.00
N ALA A 943 -20.63 15.51 -18.70
CA ALA A 943 -21.03 15.77 -17.32
C ALA A 943 -20.89 14.53 -16.46
N SER A 944 -21.33 13.38 -16.97
CA SER A 944 -21.28 12.15 -16.17
C SER A 944 -19.85 11.73 -15.89
N SER A 945 -18.97 11.91 -16.87
CA SER A 945 -17.59 11.44 -16.73
C SER A 945 -16.88 12.12 -15.56
N VAL A 946 -17.10 13.42 -15.41
CA VAL A 946 -16.51 14.15 -14.29
C VAL A 946 -17.09 13.69 -12.97
N SER A 947 -18.42 13.57 -12.92
CA SER A 947 -19.08 13.20 -11.66
C SER A 947 -18.69 11.80 -11.20
N VAL A 948 -18.59 10.85 -12.14
CA VAL A 948 -18.21 9.49 -11.76
C VAL A 948 -16.83 9.48 -11.14
N VAL A 949 -15.86 10.12 -11.80
CA VAL A 949 -14.51 10.19 -11.25
C VAL A 949 -14.52 10.95 -9.93
N CYS A 950 -15.24 12.07 -9.88
CA CYS A 950 -15.34 12.85 -8.65
C CYS A 950 -16.01 12.04 -7.54
N SER A 951 -16.96 11.18 -7.91
CA SER A 951 -17.58 10.29 -6.93
C SER A 951 -16.54 9.34 -6.35
N SER A 952 -15.67 8.78 -7.20
CA SER A 952 -14.66 7.85 -6.74
C SER A 952 -13.65 8.54 -5.82
N LEU A 953 -13.29 9.78 -6.15
CA LEU A 953 -12.22 10.45 -5.41
C LEU A 953 -12.62 10.76 -3.98
N LEU A 954 -13.91 10.72 -3.67
CA LEU A 954 -14.36 11.09 -2.33
C LEU A 954 -13.96 10.06 -1.27
N LEU A 955 -13.43 8.90 -1.68
CA LEU A 955 -13.04 7.88 -0.71
C LEU A 955 -11.96 8.38 0.24
N GLN A 956 -11.18 9.37 -0.18
CA GLN A 956 -10.06 9.85 0.61
C GLN A 956 -10.49 10.47 1.94
N LEU A 957 -11.75 10.87 2.10
CA LEU A 957 -12.24 11.42 3.36
C LEU A 957 -12.71 10.35 4.33
N TYR A 958 -12.26 9.11 4.15
CA TYR A 958 -12.60 8.04 5.09
C TYR A 958 -12.01 8.32 6.46
N LYS A 959 -12.71 7.85 7.49
CA LYS A 959 -12.26 8.01 8.87
C LYS A 959 -12.40 6.69 9.59
N LYS A 960 -11.81 6.61 10.78
CA LYS A 960 -11.86 5.41 11.60
C LYS A 960 -13.28 5.13 12.05
N PRO A 961 -13.72 3.87 11.99
CA PRO A 961 -15.03 3.53 12.56
C PRO A 961 -15.00 3.56 14.08
N LEU A 962 -13.81 3.37 14.64
CA LEU A 962 -13.59 3.44 16.07
C LEU A 962 -12.52 4.49 16.35
N HIS A 963 -12.95 5.68 16.74
CA HIS A 963 -12.02 6.74 17.11
C HIS A 963 -11.60 6.59 18.57
N VAL A 964 -10.83 5.53 18.80
CA VAL A 964 -10.37 5.12 20.13
C VAL A 964 -11.59 4.69 20.94
N GLU A 965 -11.91 3.41 20.92
CA GLU A 965 -13.04 2.87 21.67
C GLU A 965 -12.64 2.52 23.10
CU CU B . -16.47 4.70 -21.64
#